data_4C7X
#
_entry.id   4C7X
#
_cell.length_a   74.990
_cell.length_b   74.990
_cell.length_c   192.850
_cell.angle_alpha   90.00
_cell.angle_beta   90.00
_cell.angle_gamma   120.00
#
_symmetry.space_group_name_H-M   'P 32 2 1'
#
loop_
_entity.id
_entity.type
_entity.pdbx_description
1 polymer TRANSKETOLASE
2 non-polymer 'MAGNESIUM ION'
3 non-polymer 'THIAMINE DIPHOSPHATE'
4 water water
#
_entity_poly.entity_id   1
_entity_poly.type   'polypeptide(L)'
_entity_poly.pdbx_seq_one_letter_code
;MAHHHHHHSSGLEVLFQGPYDQVDQLGVNTLRTLSIDAIQRANSGHPGLPMGAAPMAYVLWTRHLKINPKTHMNWVNRDR
FVLSAGHGSALLYSLAHLAGYDVSMDDLKNFREWKSNTPGHPEYGCTDGVEATTGPLGQGISMAVGMAMAEAHLGKKFNR
EGYPVMDHYTYALIGDGDLMEGVASEAASLAGHLKLGKLIALYDSNGISLDGKTSASFTENVGARFEAYGWQYILVEDGF
NLEEIDKAIVQAKAESDKPTIIEIKTTIGYGSENQGTHKVHGSPLGEEGVAHAKEVYNWNYPPFTVPEEVSQRFKECLQD
KGVKAENKWNEMFEAYKKEYSDLAQKFSDGFSNKVPNTLGDILPQYGEDDSIATRAASQKAINALAKEVSSLWGGAADLA
SSNKTVIAGEGDFQPESYEGRNIWFGVREFGMACAMNGIMLHGGTRIFGSTFFVFSDYLKAAIRLSAIQKLPVIYVLTHD
SVAVGKDGPTHEPIEQLASLRTIPNVQVFRPADGNETSAAWKVALETLDKPTILVLSRQNLDTLPISKEKVFDGVEKGGY
VVQGAENEADGILIATGSEVGLALKAKEELQKKGKDVIVVSLPSWERFEAQSEEYKNTVIPPELKKRMTIEAGTTYGWAK
YAGDHGVMIGIDEFGMSAPSDIVLRELGMSVENIVDKYLEK
;
_entity_poly.pdbx_strand_id   A
#
loop_
_chem_comp.id
_chem_comp.type
_chem_comp.name
_chem_comp.formula
MG non-polymer 'MAGNESIUM ION' 'Mg 2'
TPP non-polymer 'THIAMINE DIPHOSPHATE' 'C12 H19 N4 O7 P2 S 1'
#
# COMPACT_ATOMS: atom_id res chain seq x y z
N PRO A 19 -28.79 -5.79 27.33
CA PRO A 19 -28.37 -5.22 26.04
C PRO A 19 -28.20 -6.29 24.96
N TYR A 20 -27.79 -7.51 25.33
CA TYR A 20 -27.65 -8.61 24.39
C TYR A 20 -28.58 -9.73 24.75
N ASP A 21 -29.17 -10.35 23.76
CA ASP A 21 -30.12 -11.41 24.07
C ASP A 21 -29.93 -12.65 23.15
N GLN A 22 -30.95 -13.50 23.08
CA GLN A 22 -30.79 -14.80 22.41
C GLN A 22 -30.90 -14.64 20.90
N VAL A 23 -31.52 -13.58 20.44
CA VAL A 23 -31.56 -13.31 19.02
C VAL A 23 -30.10 -12.93 18.62
N ASP A 24 -29.44 -12.18 19.48
CA ASP A 24 -28.08 -11.81 19.25
C ASP A 24 -27.15 -13.03 19.13
N GLN A 25 -27.27 -14.00 20.05
CA GLN A 25 -26.52 -15.24 19.98
C GLN A 25 -26.84 -16.08 18.74
N LEU A 26 -28.06 -16.00 18.29
CA LEU A 26 -28.42 -16.68 17.06
C LEU A 26 -27.71 -16.01 15.86
N GLY A 27 -27.47 -14.70 16.02
CA GLY A 27 -26.76 -13.95 15.02
C GLY A 27 -25.30 -14.41 14.98
N VAL A 28 -24.68 -14.47 16.15
CA VAL A 28 -23.34 -15.03 16.28
C VAL A 28 -23.25 -16.38 15.60
N ASN A 29 -24.20 -17.26 15.88
CA ASN A 29 -24.10 -18.58 15.31
C ASN A 29 -24.56 -18.61 13.87
N THR A 30 -25.29 -17.58 13.43
CA THR A 30 -25.50 -17.45 11.99
C THR A 30 -24.12 -17.23 11.29
N LEU A 31 -23.27 -16.42 11.92
CA LEU A 31 -21.98 -16.09 11.31
C LEU A 31 -21.15 -17.33 11.25
N ARG A 32 -21.07 -18.00 12.39
CA ARG A 32 -20.40 -19.28 12.49
C ARG A 32 -20.81 -20.28 11.43
N THR A 33 -22.10 -20.40 11.20
CA THR A 33 -22.62 -21.42 10.28
C THR A 33 -22.49 -21.05 8.81
N LEU A 34 -22.79 -19.80 8.47
CA LEU A 34 -22.51 -19.35 7.11
C LEU A 34 -21.06 -19.61 6.74
N SER A 35 -20.16 -19.37 7.70
CA SER A 35 -18.74 -19.38 7.49
C SER A 35 -18.31 -20.79 7.31
N ILE A 36 -18.67 -21.62 8.29
CA ILE A 36 -18.30 -23.00 8.13
C ILE A 36 -18.90 -23.71 6.93
N ASP A 37 -20.15 -23.44 6.59
CA ASP A 37 -20.79 -24.08 5.39
C ASP A 37 -20.16 -23.60 4.06
N ALA A 38 -19.83 -22.32 4.01
CA ALA A 38 -19.16 -21.76 2.88
C ALA A 38 -17.88 -22.48 2.60
N ILE A 39 -17.12 -22.69 3.68
CA ILE A 39 -15.83 -23.40 3.63
C ILE A 39 -16.03 -24.85 3.23
N GLN A 40 -16.98 -25.50 3.87
CA GLN A 40 -17.31 -26.90 3.56
C GLN A 40 -17.68 -27.14 2.13
N ARG A 41 -18.55 -26.30 1.61
CA ARG A 41 -18.95 -26.36 0.23
C ARG A 41 -17.79 -26.05 -0.70
N ALA A 42 -16.94 -25.10 -0.33
CA ALA A 42 -15.72 -24.84 -1.14
C ALA A 42 -14.71 -25.99 -1.05
N ASN A 43 -14.84 -26.80 0.00
CA ASN A 43 -13.80 -27.70 0.40
C ASN A 43 -12.44 -27.02 0.55
N SER A 44 -12.47 -25.80 1.10
CA SER A 44 -11.27 -25.01 1.19
C SER A 44 -11.56 -23.83 2.09
N GLY A 45 -10.66 -23.52 3.01
CA GLY A 45 -10.81 -22.33 3.88
C GLY A 45 -10.46 -22.61 5.31
N HIS A 46 -10.79 -21.69 6.20
CA HIS A 46 -10.17 -21.58 7.52
C HIS A 46 -11.34 -21.34 8.43
N PRO A 47 -11.74 -22.38 9.15
CA PRO A 47 -12.95 -22.29 9.93
C PRO A 47 -12.69 -21.96 11.38
N GLY A 48 -11.46 -22.05 11.81
CA GLY A 48 -11.20 -21.87 13.20
C GLY A 48 -11.59 -20.46 13.65
N LEU A 49 -11.02 -19.47 12.94
CA LEU A 49 -11.19 -18.05 13.26
C LEU A 49 -12.69 -17.63 13.12
N PRO A 50 -13.34 -17.94 11.99
CA PRO A 50 -14.75 -17.57 12.04
C PRO A 50 -15.46 -18.09 13.31
N MET A 51 -15.15 -19.31 13.73
CA MET A 51 -15.90 -19.93 14.84
C MET A 51 -15.52 -19.33 16.19
N GLY A 52 -14.27 -18.88 16.28
CA GLY A 52 -13.74 -18.25 17.51
C GLY A 52 -14.14 -16.78 17.63
N ALA A 53 -14.19 -16.09 16.48
CA ALA A 53 -14.25 -14.61 16.47
C ALA A 53 -15.59 -14.04 16.05
N ALA A 54 -16.53 -14.89 15.69
CA ALA A 54 -17.89 -14.42 15.40
C ALA A 54 -18.54 -13.50 16.46
N PRO A 55 -18.37 -13.81 17.78
CA PRO A 55 -18.89 -12.97 18.87
C PRO A 55 -18.34 -11.54 18.85
N MET A 56 -17.02 -11.39 18.77
N MET A 56 -17.02 -11.39 18.76
CA MET A 56 -16.41 -10.06 18.63
CA MET A 56 -16.43 -10.04 18.62
C MET A 56 -16.85 -9.34 17.35
C MET A 56 -16.86 -9.34 17.35
N ALA A 57 -16.89 -10.07 16.24
CA ALA A 57 -17.23 -9.43 14.98
C ALA A 57 -18.73 -9.05 15.02
N TYR A 58 -19.52 -9.89 15.63
CA TYR A 58 -20.94 -9.61 15.71
C TYR A 58 -21.19 -8.37 16.58
N VAL A 59 -20.55 -8.26 17.73
CA VAL A 59 -20.72 -7.09 18.63
C VAL A 59 -20.28 -5.81 17.93
N LEU A 60 -19.15 -5.91 17.27
CA LEU A 60 -18.60 -4.75 16.51
C LEU A 60 -19.53 -4.27 15.38
N TRP A 61 -19.95 -5.22 14.57
CA TRP A 61 -20.73 -4.87 13.39
C TRP A 61 -22.14 -4.39 13.72
N THR A 62 -22.72 -4.91 14.78
CA THR A 62 -24.10 -4.53 15.20
C THR A 62 -24.19 -3.36 16.18
N ARG A 63 -23.16 -3.09 16.98
CA ARG A 63 -23.20 -1.93 17.91
C ARG A 63 -22.15 -0.86 17.66
N HIS A 64 -21.11 -1.13 16.90
CA HIS A 64 -19.97 -0.23 16.91
C HIS A 64 -19.32 0.13 15.59
N LEU A 65 -19.88 -0.26 14.48
CA LEU A 65 -19.34 0.03 13.18
C LEU A 65 -20.31 0.94 12.47
N LYS A 66 -19.93 2.21 12.35
CA LYS A 66 -20.78 3.20 11.69
C LYS A 66 -20.48 3.12 10.19
N ILE A 67 -21.26 2.26 9.54
CA ILE A 67 -21.23 2.08 8.10
C ILE A 67 -22.66 2.09 7.54
N ASN A 68 -22.73 2.33 6.24
CA ASN A 68 -24.00 2.35 5.57
C ASN A 68 -23.91 1.55 4.30
N PRO A 69 -24.24 0.26 4.40
CA PRO A 69 -23.97 -0.59 3.24
C PRO A 69 -24.80 -0.25 2.05
N LYS A 70 -25.92 0.40 2.32
CA LYS A 70 -26.75 0.97 1.27
C LYS A 70 -25.89 1.80 0.30
N THR A 71 -24.86 2.54 0.77
CA THR A 71 -23.97 3.27 -0.16
C THR A 71 -22.59 2.61 -0.43
N HIS A 72 -22.50 1.27 -0.27
CA HIS A 72 -21.28 0.51 -0.61
C HIS A 72 -20.11 1.11 0.11
N MET A 73 -19.08 1.53 -0.57
CA MET A 73 -17.97 2.14 0.13
C MET A 73 -17.74 3.61 -0.26
N ASN A 74 -18.83 4.29 -0.64
CA ASN A 74 -18.75 5.68 -1.00
C ASN A 74 -18.84 6.65 0.14
N TRP A 75 -19.32 6.26 1.30
CA TRP A 75 -19.44 7.26 2.38
C TRP A 75 -18.06 7.53 3.02
N VAL A 76 -17.45 8.65 2.64
CA VAL A 76 -16.10 8.98 3.10
C VAL A 76 -15.93 8.98 4.61
N ASN A 77 -17.00 9.14 5.39
CA ASN A 77 -16.78 9.24 6.80
C ASN A 77 -17.24 8.04 7.60
N ARG A 78 -17.41 6.91 6.90
CA ARG A 78 -17.75 5.68 7.55
C ARG A 78 -16.57 5.28 8.38
N ASP A 79 -16.86 4.50 9.39
CA ASP A 79 -15.86 3.77 10.12
C ASP A 79 -15.19 2.77 9.15
N ARG A 80 -13.88 2.57 9.34
CA ARG A 80 -13.14 1.61 8.50
C ARG A 80 -12.88 0.34 9.30
N PHE A 81 -13.36 -0.79 8.78
CA PHE A 81 -13.01 -2.11 9.32
C PHE A 81 -12.04 -2.85 8.39
N VAL A 82 -10.96 -3.35 8.98
CA VAL A 82 -9.98 -4.21 8.31
C VAL A 82 -9.84 -5.55 9.08
N LEU A 83 -10.02 -6.64 8.37
CA LEU A 83 -9.68 -7.92 8.85
C LEU A 83 -8.25 -8.20 8.46
N SER A 84 -7.36 -8.05 9.44
CA SER A 84 -5.95 -8.28 9.20
C SER A 84 -5.66 -9.75 9.05
N ALA A 85 -6.34 -10.55 9.87
CA ALA A 85 -6.22 -12.01 9.82
C ALA A 85 -7.07 -12.47 8.65
N GLY A 86 -6.50 -12.30 7.48
CA GLY A 86 -7.26 -12.34 6.24
C GLY A 86 -7.80 -13.67 5.96
N HIS A 87 -7.21 -14.67 6.60
CA HIS A 87 -7.72 -16.01 6.45
C HIS A 87 -9.13 -16.23 7.03
N GLY A 88 -9.59 -15.37 7.94
CA GLY A 88 -10.98 -15.36 8.34
C GLY A 88 -11.92 -14.78 7.31
N SER A 89 -11.51 -14.77 6.02
CA SER A 89 -12.39 -14.27 4.97
C SER A 89 -13.86 -14.69 5.06
N ALA A 90 -14.16 -15.92 5.43
CA ALA A 90 -15.54 -16.41 5.33
C ALA A 90 -16.39 -15.64 6.33
N LEU A 91 -15.83 -15.40 7.47
CA LEU A 91 -16.54 -14.61 8.42
C LEU A 91 -16.87 -13.22 7.84
N LEU A 92 -15.94 -12.68 7.07
CA LEU A 92 -16.09 -11.33 6.57
C LEU A 92 -17.22 -11.28 5.55
N TYR A 93 -17.23 -12.24 4.63
CA TYR A 93 -18.29 -12.33 3.66
C TYR A 93 -19.61 -12.54 4.33
N SER A 94 -19.61 -13.33 5.39
CA SER A 94 -20.82 -13.66 6.14
C SER A 94 -21.41 -12.37 6.73
N LEU A 95 -20.51 -11.57 7.30
CA LEU A 95 -20.84 -10.32 7.87
C LEU A 95 -21.34 -9.39 6.83
N ALA A 96 -20.67 -9.40 5.69
CA ALA A 96 -20.95 -8.46 4.65
C ALA A 96 -22.36 -8.74 4.16
N HIS A 97 -22.67 -10.02 4.07
CA HIS A 97 -23.92 -10.42 3.55
C HIS A 97 -25.05 -9.87 4.45
N LEU A 98 -24.93 -10.19 5.72
CA LEU A 98 -25.96 -9.89 6.69
C LEU A 98 -26.04 -8.40 6.87
N ALA A 99 -24.98 -7.69 6.58
CA ALA A 99 -24.97 -6.24 6.77
C ALA A 99 -25.71 -5.52 5.66
N GLY A 100 -25.95 -6.19 4.56
CA GLY A 100 -26.59 -5.51 3.49
C GLY A 100 -25.68 -5.13 2.38
N TYR A 101 -24.39 -5.52 2.43
CA TYR A 101 -23.51 -5.25 1.28
C TYR A 101 -23.97 -6.12 0.11
N ASP A 102 -23.44 -5.84 -1.06
CA ASP A 102 -23.76 -6.57 -2.26
C ASP A 102 -22.98 -7.88 -2.25
N VAL A 103 -23.22 -8.67 -1.23
CA VAL A 103 -22.65 -10.01 -1.16
C VAL A 103 -23.85 -10.85 -0.84
N SER A 104 -24.22 -11.71 -1.79
CA SER A 104 -25.48 -12.44 -1.79
C SER A 104 -25.26 -13.84 -1.22
N MET A 105 -26.32 -14.54 -0.92
CA MET A 105 -26.16 -15.89 -0.38
C MET A 105 -25.52 -16.77 -1.45
N ASP A 106 -25.82 -16.51 -2.70
CA ASP A 106 -25.19 -17.27 -3.74
C ASP A 106 -23.65 -17.09 -3.80
N ASP A 107 -23.24 -15.84 -3.72
CA ASP A 107 -21.87 -15.45 -3.47
C ASP A 107 -21.22 -16.31 -2.34
N LEU A 108 -21.83 -16.38 -1.15
CA LEU A 108 -21.30 -17.20 -0.08
C LEU A 108 -21.14 -18.62 -0.54
N LYS A 109 -22.12 -19.07 -1.32
CA LYS A 109 -22.08 -20.42 -1.93
CA LYS A 109 -22.08 -20.40 -1.95
C LYS A 109 -21.01 -20.54 -3.00
N ASN A 110 -20.44 -19.41 -3.47
CA ASN A 110 -19.30 -19.47 -4.42
C ASN A 110 -17.90 -19.09 -3.91
N PHE A 111 -17.75 -19.02 -2.60
CA PHE A 111 -16.48 -18.95 -1.95
C PHE A 111 -15.40 -19.75 -2.64
N ARG A 112 -14.34 -19.06 -2.96
CA ARG A 112 -13.13 -19.64 -3.50
C ARG A 112 -13.30 -20.21 -4.91
N GLU A 113 -14.43 -19.85 -5.57
CA GLU A 113 -14.70 -20.30 -6.97
C GLU A 113 -14.23 -19.30 -8.03
N TRP A 114 -13.78 -19.82 -9.16
CA TRP A 114 -13.38 -18.98 -10.24
C TRP A 114 -14.39 -17.82 -10.42
N LYS A 115 -13.87 -16.60 -10.44
CA LYS A 115 -14.64 -15.39 -10.67
C LYS A 115 -15.65 -15.03 -9.62
N SER A 116 -15.62 -15.63 -8.44
CA SER A 116 -16.56 -15.23 -7.44
C SER A 116 -16.08 -13.90 -6.86
N ASN A 117 -17.02 -13.20 -6.27
CA ASN A 117 -16.68 -12.06 -5.48
C ASN A 117 -16.45 -12.43 -4.02
N THR A 118 -16.20 -13.72 -3.77
CA THR A 118 -15.94 -14.17 -2.43
C THR A 118 -14.59 -14.99 -2.39
N PRO A 119 -13.45 -14.30 -2.66
CA PRO A 119 -12.19 -15.07 -2.86
C PRO A 119 -11.58 -15.60 -1.57
N GLY A 120 -10.64 -16.53 -1.68
CA GLY A 120 -10.04 -17.25 -0.51
C GLY A 120 -9.51 -16.27 0.54
N HIS A 121 -8.79 -15.24 0.12
CA HIS A 121 -8.49 -14.08 0.98
C HIS A 121 -9.10 -12.76 0.50
N PRO A 122 -9.29 -11.82 1.42
CA PRO A 122 -10.10 -10.68 0.97
C PRO A 122 -9.32 -9.79 0.00
N GLU A 123 -10.04 -9.36 -1.06
CA GLU A 123 -9.52 -8.56 -2.11
C GLU A 123 -10.30 -7.27 -2.28
N TYR A 124 -9.69 -6.19 -1.85
CA TYR A 124 -10.15 -4.84 -2.14
C TYR A 124 -10.41 -4.69 -3.61
N GLY A 125 -11.56 -4.10 -3.92
CA GLY A 125 -11.98 -3.90 -5.31
C GLY A 125 -12.82 -5.08 -5.82
N CYS A 126 -12.72 -6.23 -5.12
CA CYS A 126 -13.44 -7.45 -5.61
C CYS A 126 -14.82 -7.54 -4.98
N THR A 127 -14.93 -7.03 -3.76
CA THR A 127 -16.02 -7.40 -2.92
C THR A 127 -16.56 -6.17 -2.28
N ASP A 128 -17.87 -5.98 -2.39
CA ASP A 128 -18.48 -4.81 -1.79
C ASP A 128 -18.24 -4.98 -0.30
N GLY A 129 -17.74 -3.93 0.30
CA GLY A 129 -17.58 -3.91 1.75
C GLY A 129 -16.19 -4.28 2.30
N VAL A 130 -15.26 -4.71 1.41
CA VAL A 130 -13.92 -5.22 1.84
C VAL A 130 -13.04 -4.01 1.73
N GLU A 131 -12.50 -3.55 2.85
CA GLU A 131 -11.76 -2.27 2.83
C GLU A 131 -10.28 -2.46 2.46
N ALA A 132 -9.76 -3.68 2.50
CA ALA A 132 -8.32 -3.87 2.21
C ALA A 132 -8.04 -5.30 1.85
N THR A 133 -7.03 -5.48 1.03
CA THR A 133 -6.58 -6.79 0.64
C THR A 133 -5.59 -7.30 1.73
N THR A 134 -5.94 -8.33 2.49
CA THR A 134 -5.20 -8.68 3.71
C THR A 134 -4.66 -10.11 3.87
N GLY A 135 -4.57 -10.88 2.78
CA GLY A 135 -3.82 -12.15 2.85
C GLY A 135 -2.45 -12.18 3.60
N PRO A 136 -1.49 -11.36 3.19
CA PRO A 136 -0.23 -11.24 3.88
C PRO A 136 -0.39 -10.67 5.33
N LEU A 137 -0.01 -11.46 6.32
CA LEU A 137 -0.17 -11.10 7.73
C LEU A 137 0.68 -9.93 8.17
N GLY A 138 0.12 -9.16 9.09
CA GLY A 138 0.76 -7.97 9.62
C GLY A 138 0.43 -6.75 8.84
N GLN A 139 0.01 -6.91 7.60
CA GLN A 139 -0.18 -5.72 6.77
C GLN A 139 -1.51 -5.08 7.00
N GLY A 140 -2.52 -5.89 7.22
CA GLY A 140 -3.89 -5.43 7.52
C GLY A 140 -3.92 -4.43 8.66
N ILE A 141 -3.43 -4.81 9.83
CA ILE A 141 -3.37 -3.85 10.89
C ILE A 141 -2.45 -2.66 10.58
N SER A 142 -1.35 -2.92 9.85
CA SER A 142 -0.41 -1.82 9.53
C SER A 142 -1.05 -0.82 8.62
N MET A 143 -1.92 -1.31 7.73
CA MET A 143 -2.67 -0.44 6.83
C MET A 143 -3.73 0.34 7.60
N ALA A 144 -4.41 -0.31 8.54
CA ALA A 144 -5.36 0.44 9.39
C ALA A 144 -4.71 1.61 10.10
N VAL A 145 -3.48 1.40 10.58
CA VAL A 145 -2.73 2.51 11.16
C VAL A 145 -2.70 3.68 10.21
N GLY A 146 -2.47 3.35 8.92
CA GLY A 146 -2.56 4.30 7.83
C GLY A 146 -3.92 5.03 7.79
N MET A 147 -4.97 4.26 7.68
CA MET A 147 -6.29 4.79 7.66
C MET A 147 -6.54 5.75 8.82
N ALA A 148 -6.04 5.38 10.00
CA ALA A 148 -6.27 6.16 11.16
C ALA A 148 -5.44 7.42 11.12
N MET A 149 -4.25 7.33 10.58
CA MET A 149 -3.44 8.50 10.37
C MET A 149 -4.10 9.52 9.43
N ALA A 150 -4.79 9.05 8.40
CA ALA A 150 -5.37 9.94 7.45
C ALA A 150 -6.63 10.60 8.03
N GLU A 151 -7.42 9.84 8.76
CA GLU A 151 -8.56 10.38 9.46
C GLU A 151 -8.14 11.50 10.38
N ALA A 152 -7.06 11.27 11.12
CA ALA A 152 -6.59 12.27 12.09
C ALA A 152 -6.11 13.47 11.37
N HIS A 153 -5.43 13.26 10.24
CA HIS A 153 -4.83 14.37 9.51
C HIS A 153 -5.91 15.19 8.83
N LEU A 154 -6.86 14.54 8.19
CA LEU A 154 -7.92 15.27 7.52
C LEU A 154 -8.94 15.94 8.56
N GLY A 155 -9.20 15.24 9.65
CA GLY A 155 -9.96 15.79 10.77
C GLY A 155 -9.40 17.13 11.18
N LYS A 156 -8.10 17.18 11.38
CA LYS A 156 -7.50 18.37 11.80
C LYS A 156 -7.47 19.43 10.69
N LYS A 157 -7.17 19.03 9.45
CA LYS A 157 -7.21 19.97 8.33
C LYS A 157 -8.55 20.61 8.15
N PHE A 158 -9.63 19.83 8.17
CA PHE A 158 -10.92 20.26 7.62
C PHE A 158 -12.10 20.41 8.60
N ASN A 159 -12.06 19.73 9.74
CA ASN A 159 -13.14 19.87 10.70
C ASN A 159 -13.21 21.26 11.26
N ARG A 160 -14.43 21.71 11.53
CA ARG A 160 -14.64 23.02 12.15
C ARG A 160 -15.69 22.86 13.23
N GLU A 161 -15.78 23.89 14.05
CA GLU A 161 -16.78 23.96 15.08
C GLU A 161 -18.13 23.63 14.44
N GLY A 162 -18.77 22.56 14.92
CA GLY A 162 -20.09 22.08 14.41
C GLY A 162 -20.01 21.33 13.07
N TYR A 163 -18.80 21.12 12.54
CA TYR A 163 -18.60 20.37 11.30
C TYR A 163 -17.56 19.25 11.47
N PRO A 164 -17.92 18.16 12.17
CA PRO A 164 -17.04 17.00 12.25
C PRO A 164 -17.16 16.22 10.94
N VAL A 165 -16.55 16.77 9.91
CA VAL A 165 -16.67 16.29 8.56
C VAL A 165 -15.86 14.99 8.38
N MET A 166 -14.78 14.84 9.15
CA MET A 166 -13.90 13.62 9.16
C MET A 166 -13.71 13.26 10.59
N ASP A 167 -14.37 12.21 11.00
CA ASP A 167 -14.52 11.83 12.38
C ASP A 167 -15.08 10.41 12.32
N HIS A 168 -14.24 9.39 12.48
CA HIS A 168 -14.73 8.02 12.42
C HIS A 168 -13.70 7.12 13.07
N TYR A 169 -14.11 5.89 13.41
CA TYR A 169 -13.19 4.96 14.01
C TYR A 169 -12.52 4.11 12.87
N THR A 170 -11.35 3.61 13.23
CA THR A 170 -10.73 2.57 12.50
C THR A 170 -10.55 1.32 13.36
N TYR A 171 -11.02 0.21 12.86
CA TYR A 171 -10.97 -1.05 13.51
C TYR A 171 -10.10 -2.05 12.71
N ALA A 172 -9.17 -2.75 13.39
CA ALA A 172 -8.53 -3.95 12.79
C ALA A 172 -8.77 -5.21 13.62
N LEU A 173 -9.17 -6.32 12.97
CA LEU A 173 -9.33 -7.61 13.69
C LEU A 173 -8.10 -8.46 13.35
N ILE A 174 -7.29 -8.76 14.38
CA ILE A 174 -5.96 -9.39 14.24
C ILE A 174 -5.92 -10.67 15.00
N GLY A 175 -4.92 -11.50 14.68
CA GLY A 175 -4.73 -12.75 15.36
C GLY A 175 -3.29 -12.83 15.83
N ASP A 176 -2.88 -14.02 16.24
CA ASP A 176 -1.56 -14.21 16.83
C ASP A 176 -0.54 -14.00 15.73
N GLY A 177 -0.86 -14.38 14.51
CA GLY A 177 0.01 -14.17 13.37
C GLY A 177 0.43 -12.73 13.15
N ASP A 178 -0.59 -11.86 13.05
CA ASP A 178 -0.34 -10.41 12.85
C ASP A 178 0.65 -9.88 13.86
N LEU A 179 0.51 -10.29 15.12
CA LEU A 179 1.32 -9.77 16.17
C LEU A 179 2.74 -10.35 16.30
N MET A 180 3.03 -11.46 15.67
CA MET A 180 4.40 -11.91 15.56
C MET A 180 5.18 -11.21 14.45
N GLU A 181 4.48 -10.66 13.46
CA GLU A 181 5.16 -10.06 12.30
C GLU A 181 5.76 -8.76 12.68
N GLY A 182 6.98 -8.46 12.22
CA GLY A 182 7.65 -7.23 12.61
C GLY A 182 6.95 -5.99 12.16
N VAL A 183 6.26 -6.09 11.03
CA VAL A 183 5.71 -4.90 10.42
C VAL A 183 4.59 -4.34 11.29
N ALA A 184 3.82 -5.24 11.89
CA ALA A 184 2.81 -4.86 12.85
C ALA A 184 3.37 -4.17 14.09
N SER A 185 4.59 -4.52 14.47
CA SER A 185 5.31 -3.86 15.57
C SER A 185 5.70 -2.46 15.15
N GLU A 186 6.19 -2.33 13.94
CA GLU A 186 6.47 -0.98 13.46
C GLU A 186 5.24 -0.14 13.55
N ALA A 187 4.10 -0.70 13.19
CA ALA A 187 2.88 0.12 13.00
C ALA A 187 2.27 0.48 14.29
N ALA A 188 2.35 -0.44 15.26
CA ALA A 188 1.87 -0.18 16.62
C ALA A 188 2.79 0.82 17.29
N SER A 189 4.08 0.65 17.17
CA SER A 189 4.98 1.64 17.74
C SER A 189 4.57 3.06 17.28
N LEU A 190 4.48 3.20 15.99
CA LEU A 190 4.16 4.45 15.37
C LEU A 190 2.77 4.93 15.78
N ALA A 191 1.77 4.05 15.76
CA ALA A 191 0.40 4.43 16.17
C ALA A 191 0.36 4.97 17.61
N GLY A 192 1.21 4.36 18.42
CA GLY A 192 1.26 4.64 19.82
C GLY A 192 1.79 6.02 19.96
N HIS A 193 2.89 6.26 19.24
CA HIS A 193 3.52 7.54 19.29
C HIS A 193 2.60 8.64 18.77
N LEU A 194 1.80 8.35 17.73
CA LEU A 194 0.95 9.38 17.14
C LEU A 194 -0.40 9.53 17.90
N LYS A 195 -0.62 8.67 18.90
CA LYS A 195 -1.78 8.68 19.77
C LYS A 195 -3.08 8.64 18.94
N LEU A 196 -3.22 7.59 18.12
CA LEU A 196 -4.38 7.39 17.29
C LEU A 196 -5.51 6.79 18.09
N GLY A 197 -6.13 7.67 18.90
CA GLY A 197 -7.28 7.31 19.79
C GLY A 197 -8.53 6.77 19.13
N LYS A 198 -8.64 6.94 17.81
CA LYS A 198 -9.75 6.40 17.06
C LYS A 198 -9.41 5.03 16.44
N LEU A 199 -8.19 4.54 16.67
CA LEU A 199 -7.85 3.18 16.22
C LEU A 199 -8.12 2.19 17.36
N ILE A 200 -8.90 1.16 17.04
CA ILE A 200 -9.15 0.04 17.91
C ILE A 200 -8.82 -1.27 17.23
N ALA A 201 -7.94 -2.08 17.85
CA ALA A 201 -7.60 -3.43 17.40
C ALA A 201 -8.24 -4.47 18.27
N LEU A 202 -8.91 -5.40 17.61
CA LEU A 202 -9.58 -6.49 18.23
C LEU A 202 -8.73 -7.72 17.91
N TYR A 203 -8.34 -8.41 18.97
CA TYR A 203 -7.34 -9.45 18.90
C TYR A 203 -7.97 -10.74 19.34
N ASP A 204 -8.13 -11.61 18.37
CA ASP A 204 -8.62 -12.95 18.51
C ASP A 204 -7.47 -13.73 19.09
N SER A 205 -7.45 -13.79 20.42
CA SER A 205 -6.36 -14.39 21.15
C SER A 205 -6.82 -15.78 21.55
N ASN A 206 -6.37 -16.76 20.78
CA ASN A 206 -6.88 -18.11 20.96
C ASN A 206 -5.81 -19.11 21.31
N GLY A 207 -4.58 -18.69 21.54
CA GLY A 207 -3.52 -19.62 21.90
C GLY A 207 -3.09 -20.57 20.80
N ILE A 208 -3.63 -20.38 19.58
CA ILE A 208 -3.30 -21.22 18.44
C ILE A 208 -2.77 -20.41 17.24
N SER A 209 -1.79 -20.98 16.55
CA SER A 209 -1.28 -20.46 15.25
C SER A 209 -1.33 -21.66 14.37
N LEU A 210 -0.86 -21.54 13.13
CA LEU A 210 -0.99 -22.64 12.15
C LEU A 210 -0.30 -23.96 12.52
N ASP A 211 0.87 -23.88 13.14
CA ASP A 211 1.65 -25.10 13.33
C ASP A 211 1.32 -25.77 14.64
N GLY A 212 0.67 -25.05 15.52
CA GLY A 212 0.32 -25.59 16.80
C GLY A 212 0.04 -24.49 17.82
N LYS A 213 0.43 -24.78 19.05
CA LYS A 213 0.19 -23.84 20.14
C LYS A 213 1.17 -22.67 20.05
N THR A 214 0.66 -21.47 20.37
CA THR A 214 1.50 -20.29 20.48
C THR A 214 2.56 -20.46 21.57
N SER A 215 2.30 -21.31 22.56
CA SER A 215 3.33 -21.63 23.57
C SER A 215 4.60 -22.30 23.00
N ALA A 216 4.60 -22.78 21.76
CA ALA A 216 5.81 -23.21 21.11
C ALA A 216 6.64 -22.04 20.45
N SER A 217 6.06 -20.84 20.30
CA SER A 217 6.81 -19.75 19.61
C SER A 217 6.61 -18.34 20.10
N PHE A 218 5.51 -18.11 20.81
CA PHE A 218 4.97 -16.80 21.02
C PHE A 218 4.31 -16.74 22.39
N THR A 219 5.13 -16.43 23.37
CA THR A 219 4.78 -16.43 24.78
C THR A 219 4.97 -15.06 25.33
N GLU A 220 5.25 -14.09 24.48
CA GLU A 220 5.43 -12.74 24.99
C GLU A 220 4.16 -12.18 25.69
N ASN A 221 4.37 -11.12 26.46
CA ASN A 221 3.25 -10.41 27.06
C ASN A 221 2.72 -9.28 26.11
N VAL A 222 1.73 -9.62 25.31
CA VAL A 222 1.27 -8.65 24.30
C VAL A 222 0.73 -7.37 24.93
N GLY A 223 -0.19 -7.53 25.88
CA GLY A 223 -0.69 -6.38 26.64
C GLY A 223 0.41 -5.41 27.00
N ALA A 224 1.44 -5.92 27.66
CA ALA A 224 2.52 -5.07 28.11
C ALA A 224 3.27 -4.43 26.96
N ARG A 225 3.51 -5.20 25.90
CA ARG A 225 4.18 -4.66 24.75
C ARG A 225 3.39 -3.50 24.25
N PHE A 226 2.10 -3.67 24.14
CA PHE A 226 1.29 -2.60 23.57
C PHE A 226 1.26 -1.37 24.48
N GLU A 227 1.22 -1.58 25.80
CA GLU A 227 1.23 -0.41 26.69
C GLU A 227 2.56 0.26 26.58
N ALA A 228 3.64 -0.50 26.36
CA ALA A 228 4.93 0.15 26.20
C ALA A 228 4.94 1.05 24.91
N TYR A 229 4.14 0.68 23.92
CA TYR A 229 3.99 1.53 22.73
C TYR A 229 3.18 2.77 23.01
N GLY A 230 2.36 2.73 24.07
CA GLY A 230 1.46 3.84 24.44
C GLY A 230 0.02 3.62 24.00
N TRP A 231 -0.30 2.35 23.77
CA TRP A 231 -1.64 1.89 23.55
C TRP A 231 -2.27 1.64 24.90
N GLN A 232 -3.60 1.65 24.90
CA GLN A 232 -4.38 1.17 25.98
C GLN A 232 -4.61 -0.27 25.68
N TYR A 233 -4.51 -1.08 26.73
CA TYR A 233 -4.71 -2.50 26.65
C TYR A 233 -5.92 -2.86 27.43
N ILE A 234 -6.81 -3.66 26.85
CA ILE A 234 -7.96 -4.22 27.57
C ILE A 234 -8.09 -5.70 27.28
N LEU A 235 -8.41 -6.47 28.32
CA LEU A 235 -8.50 -7.92 28.26
C LEU A 235 -9.95 -8.33 28.32
N VAL A 236 -10.41 -9.07 27.34
CA VAL A 236 -11.70 -9.71 27.49
C VAL A 236 -11.49 -11.19 27.68
N GLU A 237 -11.36 -11.53 28.95
CA GLU A 237 -11.32 -12.89 29.48
C GLU A 237 -12.27 -13.86 28.80
N ASP A 238 -13.56 -13.60 28.82
CA ASP A 238 -14.52 -14.49 28.16
C ASP A 238 -14.92 -13.86 26.83
N GLY A 239 -14.23 -14.27 25.77
CA GLY A 239 -14.45 -13.69 24.46
C GLY A 239 -15.74 -14.02 23.78
N PHE A 240 -16.55 -14.90 24.37
CA PHE A 240 -17.88 -15.20 23.88
C PHE A 240 -18.98 -14.36 24.56
N ASN A 241 -18.64 -13.69 25.66
CA ASN A 241 -19.52 -12.75 26.31
C ASN A 241 -19.69 -11.45 25.47
N LEU A 242 -20.87 -11.23 24.92
CA LEU A 242 -21.02 -10.13 24.03
C LEU A 242 -20.93 -8.75 24.70
N GLU A 243 -21.72 -8.60 25.74
CA GLU A 243 -21.72 -7.42 26.58
C GLU A 243 -20.32 -7.06 27.06
N GLU A 244 -19.52 -8.06 27.48
CA GLU A 244 -18.14 -7.75 27.92
C GLU A 244 -17.28 -7.17 26.75
N ILE A 245 -17.31 -7.81 25.60
CA ILE A 245 -16.74 -7.22 24.36
C ILE A 245 -17.31 -5.84 24.07
N ASP A 246 -18.60 -5.66 24.28
CA ASP A 246 -19.22 -4.34 24.07
C ASP A 246 -18.67 -3.28 25.05
N LYS A 247 -18.69 -3.55 26.35
CA LYS A 247 -18.10 -2.66 27.33
C LYS A 247 -16.68 -2.33 26.98
N ALA A 248 -15.95 -3.30 26.46
CA ALA A 248 -14.54 -3.09 26.16
C ALA A 248 -14.41 -2.06 25.03
N ILE A 249 -15.19 -2.22 23.99
CA ILE A 249 -15.12 -1.26 22.89
C ILE A 249 -15.52 0.16 23.34
N VAL A 250 -16.55 0.22 24.17
CA VAL A 250 -16.98 1.49 24.73
C VAL A 250 -15.77 2.07 25.43
N GLN A 251 -15.11 1.30 26.28
CA GLN A 251 -13.90 1.86 26.94
C GLN A 251 -12.80 2.25 25.91
N ALA A 252 -12.62 1.44 24.88
CA ALA A 252 -11.62 1.79 23.88
C ALA A 252 -11.93 3.18 23.34
N LYS A 253 -13.18 3.39 22.95
CA LYS A 253 -13.55 4.70 22.38
C LYS A 253 -13.42 5.85 23.37
N ALA A 254 -13.65 5.56 24.67
CA ALA A 254 -13.58 6.58 25.71
C ALA A 254 -12.16 7.03 25.84
N GLU A 255 -11.21 6.09 25.69
CA GLU A 255 -9.79 6.44 25.64
C GLU A 255 -9.35 6.92 24.24
N SER A 256 -9.58 8.20 24.01
CA SER A 256 -9.33 8.83 22.74
C SER A 256 -7.95 9.38 22.72
N ASP A 257 -7.21 9.30 23.82
CA ASP A 257 -5.80 9.70 23.76
C ASP A 257 -4.85 8.58 23.33
N LYS A 258 -5.34 7.35 23.21
CA LYS A 258 -4.50 6.22 22.91
C LYS A 258 -5.21 5.27 22.01
N PRO A 259 -4.47 4.74 20.99
CA PRO A 259 -5.09 3.63 20.34
C PRO A 259 -5.31 2.52 21.35
N THR A 260 -6.31 1.73 21.11
CA THR A 260 -6.61 0.69 22.03
C THR A 260 -6.54 -0.68 21.38
N ILE A 261 -5.94 -1.64 22.08
CA ILE A 261 -6.02 -3.05 21.73
C ILE A 261 -6.82 -3.77 22.78
N ILE A 262 -7.79 -4.51 22.29
CA ILE A 262 -8.62 -5.35 23.12
C ILE A 262 -8.27 -6.79 22.85
N GLU A 263 -7.74 -7.46 23.86
CA GLU A 263 -7.43 -8.86 23.71
C GLU A 263 -8.61 -9.59 24.12
N ILE A 264 -9.08 -10.49 23.27
CA ILE A 264 -10.34 -11.16 23.46
C ILE A 264 -10.07 -12.64 23.41
N LYS A 265 -10.13 -13.27 24.59
CA LYS A 265 -9.70 -14.64 24.69
C LYS A 265 -10.79 -15.46 24.11
N THR A 266 -10.43 -16.44 23.30
CA THR A 266 -11.36 -17.08 22.39
C THR A 266 -10.96 -18.54 22.25
N THR A 267 -11.90 -19.39 21.83
CA THR A 267 -11.59 -20.79 21.54
C THR A 267 -11.69 -21.03 20.02
N ILE A 268 -10.54 -21.33 19.39
CA ILE A 268 -10.52 -21.45 17.93
C ILE A 268 -11.38 -22.62 17.57
N GLY A 269 -12.07 -22.51 16.47
CA GLY A 269 -12.96 -23.57 16.03
C GLY A 269 -14.05 -24.01 17.00
N TYR A 270 -14.47 -23.13 17.92
CA TYR A 270 -15.47 -23.49 18.90
C TYR A 270 -16.63 -24.22 18.25
N GLY A 271 -16.87 -25.44 18.73
CA GLY A 271 -17.92 -26.32 18.20
C GLY A 271 -17.34 -27.59 17.61
N SER A 272 -16.12 -27.51 17.12
CA SER A 272 -15.41 -28.70 16.61
C SER A 272 -14.88 -29.53 17.79
N GLU A 273 -14.92 -30.83 17.62
CA GLU A 273 -14.17 -31.82 18.42
C GLU A 273 -12.69 -31.38 18.53
N ASN A 274 -12.20 -30.72 17.48
CA ASN A 274 -10.85 -30.21 17.41
C ASN A 274 -10.67 -28.76 17.86
N GLN A 275 -11.71 -28.13 18.37
CA GLN A 275 -11.58 -26.73 18.84
C GLN A 275 -10.45 -26.61 19.85
N GLY A 276 -9.85 -25.42 19.94
CA GLY A 276 -8.66 -25.22 20.73
C GLY A 276 -7.38 -25.90 20.28
N THR A 277 -7.33 -26.39 19.05
CA THR A 277 -6.11 -27.00 18.43
C THR A 277 -5.85 -26.32 17.07
N HIS A 278 -4.61 -26.45 16.57
CA HIS A 278 -4.25 -25.92 15.23
C HIS A 278 -4.97 -26.63 14.08
N LYS A 279 -5.54 -27.79 14.36
CA LYS A 279 -6.17 -28.60 13.32
C LYS A 279 -7.40 -27.91 12.72
N VAL A 280 -7.99 -26.97 13.44
CA VAL A 280 -9.16 -26.28 12.92
C VAL A 280 -8.78 -24.95 12.27
N HIS A 281 -7.48 -24.62 12.29
CA HIS A 281 -6.96 -23.40 11.66
C HIS A 281 -7.37 -23.25 10.17
N GLY A 282 -7.10 -24.29 9.38
CA GLY A 282 -6.90 -24.12 7.93
C GLY A 282 -7.51 -25.13 7.01
N SER A 283 -8.48 -25.89 7.46
CA SER A 283 -9.01 -26.95 6.66
C SER A 283 -10.51 -27.13 6.80
N PRO A 284 -11.20 -27.60 5.76
CA PRO A 284 -12.63 -27.67 6.13
C PRO A 284 -12.84 -28.60 7.31
N LEU A 285 -13.87 -28.33 8.11
CA LEU A 285 -14.16 -29.21 9.22
C LEU A 285 -14.51 -30.65 8.80
N GLY A 286 -15.10 -30.85 7.61
CA GLY A 286 -15.61 -32.17 7.20
C GLY A 286 -17.09 -32.28 7.62
N GLU A 287 -17.91 -32.90 6.78
CA GLU A 287 -19.35 -33.04 7.02
C GLU A 287 -19.68 -33.31 8.51
N GLU A 288 -18.97 -34.24 9.18
CA GLU A 288 -19.27 -34.54 10.60
C GLU A 288 -18.84 -33.49 11.63
N GLY A 289 -17.73 -32.80 11.39
CA GLY A 289 -17.36 -31.64 12.19
C GLY A 289 -18.40 -30.51 12.09
N VAL A 290 -18.96 -30.32 10.90
CA VAL A 290 -19.96 -29.30 10.73
C VAL A 290 -21.19 -29.64 11.59
N ALA A 291 -21.63 -30.89 11.46
CA ALA A 291 -22.84 -31.34 12.11
C ALA A 291 -22.59 -31.23 13.60
N HIS A 292 -21.39 -31.63 14.05
CA HIS A 292 -21.02 -31.53 15.43
C HIS A 292 -21.09 -30.09 15.93
N ALA A 293 -20.56 -29.18 15.17
CA ALA A 293 -20.58 -27.80 15.63
C ALA A 293 -22.02 -27.31 15.64
N LYS A 294 -22.82 -27.75 14.70
CA LYS A 294 -24.19 -27.32 14.73
C LYS A 294 -24.93 -27.84 15.96
N GLU A 295 -24.75 -29.10 16.35
CA GLU A 295 -25.23 -29.64 17.68
C GLU A 295 -24.85 -28.75 18.83
N VAL A 296 -23.57 -28.39 18.91
CA VAL A 296 -23.10 -27.57 20.04
C VAL A 296 -23.84 -26.23 20.04
N TYR A 297 -24.00 -25.66 18.87
CA TYR A 297 -24.72 -24.41 18.72
C TYR A 297 -26.22 -24.61 18.84
N ASN A 298 -26.69 -25.86 18.94
CA ASN A 298 -28.13 -26.16 18.97
C ASN A 298 -28.83 -25.51 17.77
N TRP A 299 -28.23 -25.68 16.58
CA TRP A 299 -28.59 -24.96 15.41
C TRP A 299 -29.22 -25.95 14.47
N ASN A 300 -30.50 -25.84 14.23
CA ASN A 300 -31.14 -26.80 13.35
C ASN A 300 -31.65 -26.18 12.04
N TYR A 301 -31.16 -25.01 11.67
CA TYR A 301 -31.55 -24.49 10.38
C TYR A 301 -30.79 -25.27 9.33
N PRO A 302 -31.27 -25.20 8.08
CA PRO A 302 -30.54 -25.87 6.99
C PRO A 302 -29.36 -25.04 6.59
N PRO A 303 -28.48 -25.63 5.77
CA PRO A 303 -27.29 -24.92 5.30
C PRO A 303 -27.61 -23.55 4.68
N PHE A 304 -26.71 -22.56 4.79
CA PHE A 304 -26.89 -21.29 4.06
C PHE A 304 -28.28 -20.64 4.25
N THR A 305 -28.65 -20.44 5.51
CA THR A 305 -29.94 -19.94 5.88
C THR A 305 -29.67 -18.90 6.92
N VAL A 306 -30.26 -17.74 6.76
CA VAL A 306 -30.29 -16.71 7.80
C VAL A 306 -31.64 -16.74 8.54
N PRO A 307 -31.65 -16.95 9.84
CA PRO A 307 -32.91 -16.84 10.54
C PRO A 307 -33.49 -15.42 10.46
N GLU A 308 -34.79 -15.30 10.22
CA GLU A 308 -35.45 -13.98 10.00
C GLU A 308 -35.13 -12.96 11.08
N GLU A 309 -35.20 -13.42 12.31
CA GLU A 309 -34.89 -12.53 13.43
C GLU A 309 -33.48 -11.97 13.34
N VAL A 310 -32.56 -12.71 12.71
CA VAL A 310 -31.18 -12.26 12.57
C VAL A 310 -31.10 -11.14 11.50
N SER A 311 -31.61 -11.35 10.28
CA SER A 311 -31.70 -10.22 9.30
C SER A 311 -32.48 -9.02 9.85
N GLN A 312 -33.48 -9.27 10.65
CA GLN A 312 -34.16 -8.20 11.35
C GLN A 312 -33.26 -7.48 12.34
N ARG A 313 -32.49 -8.23 13.13
CA ARG A 313 -31.64 -7.61 14.10
C ARG A 313 -30.52 -6.80 13.39
N PHE A 314 -29.98 -7.33 12.29
CA PHE A 314 -28.94 -6.59 11.49
C PHE A 314 -29.55 -5.35 10.84
N LYS A 315 -30.75 -5.51 10.27
CA LYS A 315 -31.50 -4.40 9.69
C LYS A 315 -31.60 -3.25 10.69
N GLU A 316 -32.02 -3.54 11.90
CA GLU A 316 -32.19 -2.50 12.92
C GLU A 316 -30.91 -1.98 13.56
N CYS A 317 -30.07 -2.87 14.03
CA CYS A 317 -28.87 -2.40 14.70
C CYS A 317 -27.91 -1.73 13.70
N LEU A 318 -27.72 -2.36 12.56
CA LEU A 318 -26.69 -1.87 11.66
C LEU A 318 -27.23 -0.98 10.53
N GLN A 319 -28.07 -1.52 9.67
CA GLN A 319 -28.44 -0.77 8.45
C GLN A 319 -29.20 0.55 8.69
N ASP A 320 -30.22 0.51 9.54
CA ASP A 320 -31.05 1.67 9.82
C ASP A 320 -30.22 2.73 10.44
N LYS A 321 -29.35 2.33 11.39
CA LYS A 321 -28.47 3.29 12.04
C LYS A 321 -27.43 3.90 11.09
N GLY A 322 -26.98 3.13 10.12
CA GLY A 322 -26.04 3.62 9.12
C GLY A 322 -26.70 4.62 8.20
N VAL A 323 -27.92 4.31 7.75
CA VAL A 323 -28.57 5.27 6.87
C VAL A 323 -28.70 6.65 7.55
N LYS A 324 -29.14 6.63 8.78
CA LYS A 324 -29.37 7.82 9.56
C LYS A 324 -28.06 8.59 9.90
N ALA A 325 -26.98 7.85 10.23
CA ALA A 325 -25.69 8.52 10.39
C ALA A 325 -25.24 9.19 9.09
N GLU A 326 -25.43 8.56 7.93
CA GLU A 326 -24.94 9.16 6.67
C GLU A 326 -25.82 10.33 6.31
N ASN A 327 -27.12 10.16 6.47
CA ASN A 327 -28.03 11.25 6.17
C ASN A 327 -27.72 12.49 7.04
N LYS A 328 -27.40 12.28 8.30
CA LYS A 328 -27.01 13.38 9.15
C LYS A 328 -25.71 14.02 8.70
N TRP A 329 -24.71 13.17 8.45
CA TRP A 329 -23.46 13.64 7.92
C TRP A 329 -23.71 14.43 6.62
N ASN A 330 -24.50 13.91 5.70
CA ASN A 330 -24.74 14.62 4.44
C ASN A 330 -25.34 16.05 4.66
N GLU A 331 -26.30 16.17 5.57
CA GLU A 331 -26.86 17.47 5.91
C GLU A 331 -25.80 18.41 6.51
N MET A 332 -25.17 17.99 7.58
CA MET A 332 -24.07 18.74 8.16
C MET A 332 -23.10 19.15 7.04
N PHE A 333 -22.77 18.22 6.13
CA PHE A 333 -21.85 18.55 5.03
C PHE A 333 -22.39 19.58 4.01
N GLU A 334 -23.70 19.64 3.85
CA GLU A 334 -24.29 20.72 3.04
C GLU A 334 -24.10 22.09 3.69
N ALA A 335 -24.39 22.16 4.99
CA ALA A 335 -24.03 23.33 5.79
C ALA A 335 -22.52 23.66 5.68
N TYR A 336 -21.68 22.67 5.89
CA TYR A 336 -20.24 22.94 5.90
C TYR A 336 -19.86 23.60 4.60
N LYS A 337 -20.33 23.03 3.51
CA LYS A 337 -20.08 23.63 2.22
C LYS A 337 -20.59 25.08 2.09
N LYS A 338 -21.66 25.43 2.81
CA LYS A 338 -22.19 26.82 2.78
C LYS A 338 -21.27 27.79 3.52
N GLU A 339 -20.93 27.45 4.75
CA GLU A 339 -20.09 28.30 5.60
C GLU A 339 -18.59 28.28 5.20
N TYR A 340 -18.07 27.16 4.68
CA TYR A 340 -16.64 27.12 4.35
C TYR A 340 -16.48 26.59 2.94
N SER A 341 -16.96 27.36 2.00
CA SER A 341 -17.02 26.92 0.62
C SER A 341 -15.69 26.40 0.11
N ASP A 342 -14.63 27.14 0.38
CA ASP A 342 -13.32 26.92 -0.22
C ASP A 342 -12.67 25.69 0.41
N LEU A 343 -12.92 25.53 1.70
CA LEU A 343 -12.46 24.40 2.44
C LEU A 343 -13.15 23.08 1.96
N ALA A 344 -14.47 23.13 1.87
CA ALA A 344 -15.23 22.02 1.36
C ALA A 344 -14.80 21.65 -0.06
N GLN A 345 -14.40 22.63 -0.84
CA GLN A 345 -13.96 22.33 -2.17
C GLN A 345 -12.64 21.53 -2.17
N LYS A 346 -11.70 21.94 -1.32
CA LYS A 346 -10.48 21.20 -1.14
C LYS A 346 -10.72 19.83 -0.58
N PHE A 347 -11.70 19.70 0.29
CA PHE A 347 -12.04 18.40 0.85
C PHE A 347 -12.50 17.51 -0.28
N SER A 348 -13.28 18.03 -1.19
CA SER A 348 -13.74 17.15 -2.27
C SER A 348 -12.67 16.86 -3.31
N ASP A 349 -11.87 17.84 -3.62
CA ASP A 349 -10.71 17.61 -4.47
C ASP A 349 -9.71 16.58 -3.89
N GLY A 350 -9.45 16.60 -2.58
CA GLY A 350 -8.70 15.57 -1.94
C GLY A 350 -9.25 14.19 -2.28
N PHE A 351 -10.52 13.97 -1.94
CA PHE A 351 -11.15 12.70 -2.23
C PHE A 351 -11.21 12.40 -3.69
N SER A 352 -11.30 13.37 -4.58
CA SER A 352 -11.46 12.95 -6.00
C SER A 352 -10.17 12.98 -6.84
N ASN A 353 -9.01 13.25 -6.20
CA ASN A 353 -7.68 13.32 -6.87
C ASN A 353 -7.53 14.44 -7.91
N LYS A 354 -8.02 15.64 -7.60
CA LYS A 354 -7.92 16.70 -8.61
C LYS A 354 -6.52 17.23 -8.49
N VAL A 355 -5.87 17.40 -9.63
CA VAL A 355 -4.64 18.15 -9.67
C VAL A 355 -4.70 19.24 -10.72
N PRO A 356 -4.00 20.34 -10.47
CA PRO A 356 -4.03 21.44 -11.45
C PRO A 356 -3.50 20.99 -12.77
N ASN A 357 -3.96 21.69 -13.79
CA ASN A 357 -3.52 21.51 -15.15
C ASN A 357 -2.11 21.99 -15.32
N THR A 358 -1.58 22.71 -14.35
CA THR A 358 -0.31 23.44 -14.48
C THR A 358 0.89 22.71 -13.82
N LEU A 359 0.82 21.39 -13.69
CA LEU A 359 1.93 20.68 -13.03
C LEU A 359 3.20 20.88 -13.81
N GLY A 360 3.06 20.81 -15.12
CA GLY A 360 4.11 21.12 -16.06
C GLY A 360 4.83 22.45 -15.88
N ASP A 361 4.13 23.47 -15.39
CA ASP A 361 4.74 24.78 -15.16
C ASP A 361 5.03 24.95 -13.71
N ILE A 362 4.31 24.27 -12.84
CA ILE A 362 4.60 24.30 -11.44
C ILE A 362 5.97 23.64 -11.24
N LEU A 363 6.30 22.61 -12.00
CA LEU A 363 7.47 21.83 -11.67
C LEU A 363 8.70 22.54 -12.12
N PRO A 364 9.75 22.35 -11.38
CA PRO A 364 10.99 22.95 -11.80
C PRO A 364 11.50 22.37 -13.09
N GLN A 365 12.32 23.16 -13.77
CA GLN A 365 12.85 22.88 -15.08
C GLN A 365 14.33 23.26 -15.01
N TYR A 366 15.13 22.53 -15.77
CA TYR A 366 16.55 22.59 -15.64
C TYR A 366 17.09 22.85 -17.01
N GLY A 367 18.15 23.66 -17.08
CA GLY A 367 18.71 24.12 -18.35
C GLY A 367 19.80 23.19 -18.77
N GLU A 368 20.17 23.24 -20.04
CA GLU A 368 21.14 22.27 -20.58
C GLU A 368 22.45 22.28 -19.79
N ASP A 369 22.77 23.38 -19.15
CA ASP A 369 24.01 23.45 -18.43
C ASP A 369 23.92 23.06 -16.94
N ASP A 370 22.74 22.78 -16.40
CA ASP A 370 22.56 22.45 -14.96
C ASP A 370 22.99 21.03 -14.68
N SER A 371 23.19 20.76 -13.41
CA SER A 371 23.66 19.51 -12.95
C SER A 371 23.06 19.37 -11.58
N ILE A 372 22.33 18.31 -11.35
CA ILE A 372 21.68 18.10 -10.09
C ILE A 372 21.49 16.62 -9.87
N ALA A 373 21.48 16.20 -8.60
CA ALA A 373 21.19 14.83 -8.28
C ALA A 373 19.67 14.65 -8.36
N THR A 374 19.18 13.54 -8.84
CA THR A 374 17.77 13.41 -8.98
C THR A 374 17.09 13.30 -7.61
N ARG A 375 17.76 12.91 -6.55
CA ARG A 375 17.11 13.05 -5.26
C ARG A 375 16.82 14.54 -5.01
N ALA A 376 17.70 15.41 -5.48
CA ALA A 376 17.59 16.83 -5.14
C ALA A 376 16.57 17.51 -6.10
N ALA A 377 16.47 17.02 -7.32
CA ALA A 377 15.39 17.48 -8.21
C ALA A 377 14.05 17.04 -7.64
N SER A 378 14.06 15.86 -7.04
CA SER A 378 12.85 15.34 -6.43
C SER A 378 12.47 16.25 -5.30
N GLN A 379 13.44 16.62 -4.47
CA GLN A 379 13.13 17.46 -3.33
C GLN A 379 12.50 18.78 -3.78
N LYS A 380 12.94 19.29 -4.94
CA LYS A 380 12.42 20.61 -5.42
C LYS A 380 11.07 20.44 -6.05
N ALA A 381 10.83 19.27 -6.61
CA ALA A 381 9.47 18.97 -7.12
C ALA A 381 8.52 18.94 -5.91
N ILE A 382 8.94 18.29 -4.85
CA ILE A 382 8.09 18.17 -3.69
C ILE A 382 7.73 19.52 -3.12
N ASN A 383 8.71 20.40 -2.97
CA ASN A 383 8.34 21.71 -2.42
C ASN A 383 7.45 22.45 -3.39
N ALA A 384 7.73 22.36 -4.70
CA ALA A 384 6.90 23.14 -5.66
C ALA A 384 5.48 22.60 -5.62
N LEU A 385 5.36 21.28 -5.67
CA LEU A 385 4.03 20.64 -5.67
C LEU A 385 3.23 20.84 -4.38
N ALA A 386 3.90 20.91 -3.25
CA ALA A 386 3.19 20.92 -2.02
C ALA A 386 2.31 22.17 -1.88
N LYS A 387 2.69 23.25 -2.54
CA LYS A 387 1.98 24.54 -2.44
C LYS A 387 0.72 24.44 -3.29
N GLU A 388 0.82 23.72 -4.38
CA GLU A 388 -0.20 23.71 -5.37
C GLU A 388 -1.13 22.51 -5.22
N VAL A 389 -0.66 21.44 -4.59
CA VAL A 389 -1.47 20.22 -4.40
C VAL A 389 -1.66 20.03 -2.94
N SER A 390 -2.80 20.49 -2.46
CA SER A 390 -3.00 20.65 -0.99
C SER A 390 -3.22 19.35 -0.34
N SER A 391 -3.64 18.38 -1.10
CA SER A 391 -3.80 17.06 -0.58
C SER A 391 -2.48 16.29 -0.37
N LEU A 392 -1.38 16.75 -0.93
CA LEU A 392 -0.14 15.98 -0.82
C LEU A 392 0.40 16.09 0.55
N TRP A 393 0.85 14.97 1.04
CA TRP A 393 1.72 14.90 2.16
C TRP A 393 2.59 13.63 2.05
N GLY A 394 3.41 13.38 3.07
CA GLY A 394 4.30 12.27 3.05
C GLY A 394 5.46 12.39 3.98
N GLY A 395 6.38 11.45 3.86
CA GLY A 395 7.58 11.50 4.65
C GLY A 395 8.62 10.46 4.32
N ALA A 396 9.54 10.19 5.28
CA ALA A 396 10.68 9.34 5.04
C ALA A 396 10.82 8.44 6.20
N ALA A 397 11.42 7.27 5.98
CA ALA A 397 11.71 6.38 7.09
C ALA A 397 13.04 6.82 7.72
N ASP A 398 12.99 7.90 8.49
CA ASP A 398 14.13 8.52 9.15
C ASP A 398 15.23 8.94 8.16
N LEU A 399 14.87 9.18 6.90
CA LEU A 399 15.83 9.53 5.83
C LEU A 399 15.46 10.74 5.00
N ALA A 400 14.58 11.58 5.55
CA ALA A 400 14.14 12.80 4.84
C ALA A 400 15.28 13.72 4.45
N SER A 401 16.21 13.84 5.38
CA SER A 401 17.35 14.71 5.22
C SER A 401 18.39 14.07 4.28
N SER A 402 18.24 12.81 3.90
CA SER A 402 19.16 12.16 3.00
C SER A 402 18.46 11.75 1.66
N ASN A 403 17.25 11.25 1.70
CA ASN A 403 16.39 11.15 0.53
C ASN A 403 16.01 12.54 -0.04
N LYS A 404 16.12 13.59 0.79
CA LYS A 404 15.68 14.92 0.44
C LYS A 404 14.17 14.95 0.23
N THR A 405 13.42 14.53 1.26
CA THR A 405 11.96 14.52 1.20
C THR A 405 11.29 15.31 2.35
N VAL A 406 11.85 16.48 2.68
CA VAL A 406 11.30 17.41 3.66
C VAL A 406 10.39 18.36 2.91
N ILE A 407 9.14 18.47 3.34
CA ILE A 407 8.22 19.41 2.72
C ILE A 407 8.37 20.75 3.45
N ALA A 408 9.15 21.65 2.85
CA ALA A 408 9.58 22.87 3.52
C ALA A 408 8.40 23.66 3.95
N GLY A 409 8.35 23.97 5.26
CA GLY A 409 7.42 24.92 5.85
C GLY A 409 6.05 24.40 6.15
N GLU A 410 5.81 23.13 5.85
CA GLU A 410 4.48 22.58 5.92
C GLU A 410 4.18 21.76 7.17
N GLY A 411 5.02 21.79 8.19
CA GLY A 411 4.70 21.22 9.49
C GLY A 411 5.03 19.75 9.65
N ASP A 412 5.02 19.31 10.88
CA ASP A 412 5.24 17.94 11.23
C ASP A 412 4.00 17.29 11.76
N PHE A 413 3.69 16.14 11.20
CA PHE A 413 2.57 15.32 11.64
C PHE A 413 2.84 14.72 13.01
N GLN A 414 2.07 15.16 14.00
CA GLN A 414 2.26 14.79 15.38
C GLN A 414 0.95 15.02 16.11
N PRO A 415 0.73 14.34 17.23
CA PRO A 415 -0.53 14.49 17.96
C PRO A 415 -0.93 15.94 18.24
N GLU A 416 0.02 16.76 18.66
CA GLU A 416 -0.26 18.18 18.86
C GLU A 416 -0.40 18.95 17.55
N SER A 417 -0.09 18.34 16.39
CA SER A 417 -0.22 19.07 15.09
C SER A 417 -0.53 18.14 13.93
N TYR A 418 -1.73 17.59 13.94
CA TYR A 418 -2.11 16.58 13.01
C TYR A 418 -2.23 17.15 11.62
N GLU A 419 -2.27 18.48 11.53
CA GLU A 419 -2.32 19.14 10.23
CA GLU A 419 -2.33 19.14 10.23
C GLU A 419 -0.96 19.13 9.56
N GLY A 420 0.09 18.95 10.33
CA GLY A 420 1.44 18.91 9.76
C GLY A 420 1.51 17.89 8.61
N ARG A 421 2.28 18.19 7.58
CA ARG A 421 2.31 17.33 6.38
C ARG A 421 3.55 16.47 6.23
N ASN A 422 4.60 16.70 6.99
CA ASN A 422 5.75 15.81 7.02
C ASN A 422 5.53 14.70 8.00
N ILE A 423 5.45 13.46 7.49
CA ILE A 423 5.33 12.29 8.38
C ILE A 423 6.71 11.74 8.79
N TRP A 424 6.87 11.54 10.07
CA TRP A 424 8.18 11.00 10.56
C TRP A 424 7.94 9.54 10.84
N PHE A 425 8.15 8.70 9.85
CA PHE A 425 7.84 7.27 9.99
C PHE A 425 8.85 6.55 10.87
N GLY A 426 10.04 7.12 11.03
CA GLY A 426 11.06 6.38 11.83
C GLY A 426 11.65 5.32 10.95
N VAL A 427 12.49 4.45 11.52
CA VAL A 427 13.21 3.46 10.69
C VAL A 427 12.30 2.24 10.52
N ARG A 428 11.26 2.46 9.75
CA ARG A 428 10.19 1.54 9.68
C ARG A 428 9.73 1.52 8.26
N GLU A 429 10.57 0.96 7.39
CA GLU A 429 10.24 0.98 5.97
C GLU A 429 8.95 0.27 5.64
N PHE A 430 8.79 -0.97 6.11
CA PHE A 430 7.67 -1.75 5.81
C PHE A 430 6.41 -1.12 6.42
N GLY A 431 6.51 -0.68 7.68
CA GLY A 431 5.41 -0.07 8.40
C GLY A 431 5.00 1.16 7.67
N MET A 432 5.99 1.93 7.26
CA MET A 432 5.68 3.08 6.41
C MET A 432 4.90 2.74 5.10
N ALA A 433 5.34 1.73 4.41
CA ALA A 433 4.69 1.42 3.13
C ALA A 433 3.22 0.99 3.40
N CYS A 434 3.05 0.26 4.47
CA CYS A 434 1.74 -0.27 4.81
C CYS A 434 0.81 0.92 5.20
N ALA A 435 1.36 1.89 5.94
CA ALA A 435 0.63 3.02 6.34
C ALA A 435 0.24 3.84 5.08
N MET A 436 1.16 4.00 4.14
CA MET A 436 0.86 4.62 2.91
C MET A 436 -0.32 3.94 2.23
N ASN A 437 -0.25 2.62 2.12
CA ASN A 437 -1.36 1.90 1.56
C ASN A 437 -2.70 2.23 2.25
N GLY A 438 -2.70 2.25 3.58
CA GLY A 438 -3.89 2.60 4.30
C GLY A 438 -4.39 3.98 4.05
N ILE A 439 -3.46 4.91 4.02
CA ILE A 439 -3.76 6.28 3.78
C ILE A 439 -4.45 6.45 2.41
N MET A 440 -3.93 5.76 1.41
CA MET A 440 -4.52 5.76 0.15
C MET A 440 -5.89 5.05 0.11
N LEU A 441 -6.05 3.98 0.85
CA LEU A 441 -7.30 3.27 0.85
C LEU A 441 -8.39 4.13 1.50
N HIS A 442 -8.04 4.76 2.62
CA HIS A 442 -8.84 5.77 3.24
C HIS A 442 -9.41 6.82 2.29
N GLY A 443 -8.58 7.27 1.37
CA GLY A 443 -8.95 8.37 0.49
C GLY A 443 -8.71 9.75 1.06
N GLY A 444 -8.70 10.74 0.17
CA GLY A 444 -8.62 12.11 0.56
C GLY A 444 -7.32 12.85 0.41
N THR A 445 -6.23 12.10 0.15
CA THR A 445 -4.90 12.64 0.00
C THR A 445 -4.05 11.90 -1.00
N ARG A 446 -2.89 12.48 -1.30
CA ARG A 446 -1.86 11.86 -2.04
C ARG A 446 -0.68 11.72 -1.15
N ILE A 447 -0.21 10.48 -1.05
CA ILE A 447 0.89 10.16 -0.16
C ILE A 447 2.18 9.87 -0.92
N PHE A 448 3.31 10.23 -0.32
CA PHE A 448 4.57 9.71 -0.77
C PHE A 448 5.41 9.30 0.44
N GLY A 449 6.30 8.33 0.23
CA GLY A 449 7.24 7.94 1.30
C GLY A 449 8.56 7.54 0.73
N SER A 450 9.62 7.74 1.50
CA SER A 450 10.95 7.58 1.02
C SER A 450 11.85 6.77 1.91
N THR A 451 12.84 6.16 1.24
CA THR A 451 13.95 5.52 1.91
C THR A 451 14.95 5.22 0.82
N PHE A 452 16.05 4.53 1.21
CA PHE A 452 17.05 4.08 0.24
C PHE A 452 16.54 2.93 -0.56
N PHE A 453 16.87 3.01 -1.84
CA PHE A 453 16.50 2.02 -2.80
C PHE A 453 16.90 0.61 -2.40
N VAL A 454 18.11 0.46 -1.89
CA VAL A 454 18.56 -0.84 -1.42
C VAL A 454 17.64 -1.45 -0.34
N PHE A 455 17.03 -0.61 0.48
CA PHE A 455 16.11 -1.03 1.54
C PHE A 455 14.63 -1.12 1.10
N SER A 456 14.40 -1.00 -0.21
CA SER A 456 13.10 -1.32 -0.78
C SER A 456 12.77 -2.81 -0.48
N ASP A 457 13.82 -3.62 -0.31
CA ASP A 457 13.66 -5.03 0.08
C ASP A 457 12.86 -5.14 1.39
N TYR A 458 13.04 -4.20 2.30
CA TYR A 458 12.33 -4.22 3.59
C TYR A 458 10.77 -4.02 3.40
N LEU A 459 10.43 -3.30 2.37
CA LEU A 459 9.06 -2.93 2.11
C LEU A 459 8.47 -3.52 0.84
N LYS A 460 9.15 -4.48 0.23
CA LYS A 460 8.71 -5.04 -1.06
C LYS A 460 7.27 -5.60 -1.01
N ALA A 461 6.99 -6.28 0.07
CA ALA A 461 5.72 -6.95 0.20
C ALA A 461 4.56 -5.95 0.29
N ALA A 462 4.87 -4.73 0.76
CA ALA A 462 3.86 -3.69 0.76
C ALA A 462 3.73 -3.06 -0.57
N ILE A 463 4.83 -2.97 -1.33
CA ILE A 463 4.66 -2.45 -2.68
C ILE A 463 3.69 -3.40 -3.41
N ARG A 464 3.86 -4.66 -3.10
CA ARG A 464 3.08 -5.67 -3.79
C ARG A 464 1.62 -5.41 -3.54
N LEU A 465 1.27 -5.09 -2.30
CA LEU A 465 -0.09 -4.79 -1.97
C LEU A 465 -0.57 -3.48 -2.55
N SER A 466 0.31 -2.52 -2.74
CA SER A 466 -0.03 -1.27 -3.42
C SER A 466 -0.54 -1.59 -4.78
N ALA A 467 0.23 -2.45 -5.45
CA ALA A 467 -0.02 -2.83 -6.82
C ALA A 467 -1.32 -3.64 -6.95
N ILE A 468 -1.51 -4.60 -6.07
CA ILE A 468 -2.72 -5.46 -6.11
C ILE A 468 -3.94 -4.64 -5.82
N GLN A 469 -3.86 -3.77 -4.84
CA GLN A 469 -4.99 -2.94 -4.46
C GLN A 469 -5.15 -1.70 -5.40
N LYS A 470 -4.20 -1.50 -6.33
CA LYS A 470 -4.32 -0.45 -7.33
C LYS A 470 -4.23 0.95 -6.73
N LEU A 471 -3.40 1.09 -5.71
CA LEU A 471 -3.21 2.35 -5.02
C LEU A 471 -2.04 3.16 -5.60
N PRO A 472 -2.33 4.43 -5.96
CA PRO A 472 -1.30 5.26 -6.49
C PRO A 472 -0.40 5.85 -5.43
N VAL A 473 0.12 4.98 -4.59
CA VAL A 473 1.10 5.35 -3.60
C VAL A 473 2.35 5.80 -4.33
N ILE A 474 3.05 6.80 -3.80
CA ILE A 474 4.29 7.19 -4.47
C ILE A 474 5.49 6.88 -3.62
N TYR A 475 6.33 5.95 -4.11
CA TYR A 475 7.56 5.60 -3.37
C TYR A 475 8.79 6.37 -3.89
N VAL A 476 9.57 6.98 -3.01
CA VAL A 476 10.66 7.81 -3.42
C VAL A 476 11.87 7.10 -2.82
N LEU A 477 12.66 6.49 -3.67
CA LEU A 477 13.73 5.58 -3.28
C LEU A 477 15.00 6.13 -3.91
N THR A 478 15.89 6.64 -3.05
CA THR A 478 17.09 7.33 -3.48
C THR A 478 18.35 6.45 -3.32
N HIS A 479 19.49 6.97 -3.72
CA HIS A 479 20.74 6.29 -3.56
C HIS A 479 20.66 5.04 -4.37
N ASP A 480 20.41 5.24 -5.65
CA ASP A 480 19.90 4.22 -6.48
C ASP A 480 20.93 3.24 -7.03
N SER A 481 22.21 3.38 -6.72
CA SER A 481 23.19 2.57 -7.39
C SER A 481 24.55 2.47 -6.66
N VAL A 482 25.48 1.72 -7.24
CA VAL A 482 26.80 1.65 -6.71
C VAL A 482 27.47 3.03 -6.58
N ALA A 483 27.02 4.04 -7.30
CA ALA A 483 27.53 5.42 -7.16
C ALA A 483 27.49 5.92 -5.71
N VAL A 484 26.68 5.33 -4.87
CA VAL A 484 26.69 5.63 -3.45
C VAL A 484 28.13 5.60 -2.94
N GLY A 485 28.92 4.59 -3.23
CA GLY A 485 30.38 4.71 -3.05
C GLY A 485 30.85 4.26 -1.67
N LYS A 486 31.09 5.19 -0.77
CA LYS A 486 31.84 4.84 0.45
C LYS A 486 31.02 4.02 1.42
N ASP A 487 29.69 4.06 1.31
CA ASP A 487 28.87 3.28 2.28
C ASP A 487 28.91 1.75 2.07
N GLY A 488 29.28 1.36 0.87
CA GLY A 488 29.59 0.00 0.58
C GLY A 488 28.42 -0.86 0.13
N PRO A 489 28.70 -2.15 -0.11
CA PRO A 489 27.79 -3.05 -0.79
C PRO A 489 26.40 -3.16 -0.18
N THR A 490 26.29 -3.09 1.17
CA THR A 490 24.98 -3.19 1.81
C THR A 490 24.08 -2.02 1.48
N HIS A 491 24.71 -0.94 1.03
CA HIS A 491 24.01 0.29 0.68
C HIS A 491 24.02 0.63 -0.78
N GLU A 492 24.45 -0.33 -1.59
CA GLU A 492 24.50 -0.15 -3.01
C GLU A 492 23.60 -1.14 -3.69
N PRO A 493 22.52 -0.66 -4.25
CA PRO A 493 21.58 -1.49 -5.00
C PRO A 493 22.19 -2.15 -6.22
N ILE A 494 21.73 -3.35 -6.50
CA ILE A 494 22.13 -4.11 -7.69
C ILE A 494 20.87 -4.68 -8.34
N GLU A 495 20.11 -5.41 -7.55
CA GLU A 495 19.05 -6.21 -8.03
C GLU A 495 17.68 -5.57 -7.76
N GLN A 496 17.63 -4.36 -7.22
CA GLN A 496 16.34 -3.80 -6.74
C GLN A 496 15.47 -3.23 -7.88
N LEU A 497 16.07 -2.81 -9.00
CA LEU A 497 15.26 -2.49 -10.18
C LEU A 497 14.51 -3.73 -10.69
N ALA A 498 15.21 -4.82 -10.81
CA ALA A 498 14.53 -6.09 -11.15
C ALA A 498 13.43 -6.40 -10.22
N SER A 499 13.72 -6.30 -8.94
CA SER A 499 12.75 -6.55 -7.91
C SER A 499 11.42 -5.82 -8.14
N LEU A 500 11.51 -4.56 -8.45
CA LEU A 500 10.33 -3.75 -8.43
C LEU A 500 9.65 -3.74 -9.76
N ARG A 501 10.44 -3.78 -10.82
CA ARG A 501 9.91 -3.81 -12.17
C ARG A 501 9.09 -5.05 -12.47
N THR A 502 9.34 -6.12 -11.75
CA THR A 502 8.70 -7.36 -12.11
C THR A 502 7.39 -7.44 -11.36
N ILE A 503 7.13 -6.52 -10.47
CA ILE A 503 5.87 -6.62 -9.72
C ILE A 503 4.76 -6.14 -10.63
N PRO A 504 3.72 -6.94 -10.83
CA PRO A 504 2.73 -6.47 -11.80
C PRO A 504 1.99 -5.26 -11.25
N ASN A 505 1.52 -4.45 -12.20
CA ASN A 505 0.81 -3.20 -11.90
C ASN A 505 1.60 -2.18 -11.05
N VAL A 506 2.81 -1.88 -11.43
CA VAL A 506 3.56 -0.80 -10.84
C VAL A 506 4.16 -0.01 -11.98
N GLN A 507 4.55 1.24 -11.75
CA GLN A 507 5.42 1.90 -12.71
C GLN A 507 6.65 2.36 -12.02
N VAL A 508 7.77 2.02 -12.61
CA VAL A 508 9.02 2.34 -12.00
C VAL A 508 9.73 3.30 -12.91
N PHE A 509 10.00 4.49 -12.38
CA PHE A 509 10.77 5.52 -13.13
C PHE A 509 12.16 5.70 -12.51
N ARG A 510 13.14 5.65 -13.41
CA ARG A 510 14.47 6.03 -13.08
C ARG A 510 14.95 7.23 -13.91
N PRO A 511 14.63 8.43 -13.43
CA PRO A 511 14.91 9.65 -14.22
C PRO A 511 16.41 9.89 -14.49
N ALA A 512 16.74 10.32 -15.70
CA ALA A 512 18.14 10.51 -16.10
C ALA A 512 18.68 11.89 -15.77
N ASP A 513 17.79 12.79 -15.36
CA ASP A 513 18.19 14.21 -15.01
C ASP A 513 17.01 14.92 -14.30
N GLY A 514 17.25 16.15 -13.90
CA GLY A 514 16.26 17.03 -13.35
C GLY A 514 14.93 17.10 -14.04
N ASN A 515 14.96 17.18 -15.36
CA ASN A 515 13.73 17.40 -16.14
C ASN A 515 12.95 16.12 -16.19
N GLU A 516 13.65 14.99 -16.40
CA GLU A 516 13.01 13.67 -16.25
C GLU A 516 12.42 13.47 -14.84
N THR A 517 13.04 14.06 -13.82
CA THR A 517 12.59 13.83 -12.45
C THR A 517 11.26 14.57 -12.24
N SER A 518 11.20 15.83 -12.73
CA SER A 518 9.95 16.59 -12.68
C SER A 518 8.88 15.89 -13.47
N ALA A 519 9.23 15.38 -14.64
CA ALA A 519 8.22 14.72 -15.46
C ALA A 519 7.62 13.46 -14.79
N ALA A 520 8.47 12.73 -14.12
CA ALA A 520 8.09 11.51 -13.49
C ALA A 520 7.21 11.82 -12.32
N TRP A 521 7.51 12.91 -11.63
CA TRP A 521 6.63 13.36 -10.55
C TRP A 521 5.25 13.73 -11.10
N LYS A 522 5.25 14.38 -12.25
CA LYS A 522 4.00 14.73 -12.91
C LYS A 522 3.19 13.45 -13.23
N VAL A 523 3.86 12.49 -13.87
CA VAL A 523 3.19 11.25 -14.23
C VAL A 523 2.76 10.51 -12.96
N ALA A 524 3.54 10.57 -11.91
CA ALA A 524 3.17 9.96 -10.66
C ALA A 524 1.88 10.56 -10.16
N LEU A 525 1.77 11.87 -10.17
CA LEU A 525 0.51 12.46 -9.72
C LEU A 525 -0.68 12.12 -10.64
N GLU A 526 -0.46 12.09 -11.96
CA GLU A 526 -1.56 11.76 -12.89
C GLU A 526 -1.94 10.32 -12.97
N THR A 527 -1.15 9.42 -12.44
CA THR A 527 -1.45 7.97 -12.44
C THR A 527 -2.12 7.58 -11.13
N LEU A 528 -3.27 6.94 -11.23
CA LEU A 528 -4.21 6.86 -10.07
C LEU A 528 -4.59 5.46 -9.84
N ASP A 529 -4.14 4.56 -10.72
CA ASP A 529 -4.55 3.17 -10.66
C ASP A 529 -3.40 2.17 -10.42
N LYS A 530 -2.24 2.69 -10.09
CA LYS A 530 -1.11 1.90 -9.75
C LYS A 530 -0.05 2.75 -9.03
N PRO A 531 0.79 2.09 -8.20
CA PRO A 531 1.85 2.83 -7.52
C PRO A 531 2.94 3.23 -8.48
N THR A 532 3.53 4.37 -8.19
CA THR A 532 4.60 4.94 -8.95
C THR A 532 5.81 5.02 -8.06
N ILE A 533 6.91 4.45 -8.57
CA ILE A 533 8.17 4.32 -7.78
C ILE A 533 9.19 5.12 -8.48
N LEU A 534 9.76 6.08 -7.76
CA LEU A 534 10.75 6.99 -8.32
C LEU A 534 12.11 6.56 -7.77
N VAL A 535 13.04 6.30 -8.67
CA VAL A 535 14.34 5.73 -8.30
C VAL A 535 15.36 6.78 -8.60
N LEU A 536 16.02 7.27 -7.54
CA LEU A 536 16.81 8.47 -7.63
C LEU A 536 18.24 8.38 -7.14
N SER A 537 19.03 9.33 -7.66
CA SER A 537 20.48 9.33 -7.49
C SER A 537 20.92 10.16 -6.35
N ARG A 538 21.98 9.68 -5.70
CA ARG A 538 22.77 10.46 -4.76
C ARG A 538 23.60 11.51 -5.48
N GLN A 539 24.23 11.12 -6.60
CA GLN A 539 25.20 11.98 -7.22
C GLN A 539 24.52 12.84 -8.27
N ASN A 540 25.17 13.93 -8.61
CA ASN A 540 24.68 14.83 -9.62
C ASN A 540 24.80 14.30 -11.04
N LEU A 541 23.82 14.67 -11.80
CA LEU A 541 23.69 14.24 -13.14
C LEU A 541 23.52 15.50 -13.99
N ASP A 542 24.20 15.59 -15.13
CA ASP A 542 24.00 16.61 -16.08
C ASP A 542 22.64 16.55 -16.75
N THR A 543 22.19 17.71 -17.16
CA THR A 543 20.90 17.84 -17.78
C THR A 543 21.07 17.36 -19.17
N LEU A 544 20.08 16.66 -19.66
CA LEU A 544 20.18 16.02 -20.95
C LEU A 544 20.09 17.13 -22.00
N PRO A 545 20.87 17.01 -23.07
CA PRO A 545 20.98 18.13 -23.96
C PRO A 545 19.81 18.14 -24.94
N ILE A 546 18.60 18.43 -24.45
CA ILE A 546 17.39 18.54 -25.26
C ILE A 546 16.30 19.27 -24.49
N SER A 547 15.25 19.64 -25.18
CA SER A 547 14.24 20.53 -24.64
C SER A 547 13.39 19.90 -23.60
N LYS A 548 13.03 20.66 -22.57
CA LYS A 548 12.10 20.21 -21.54
C LYS A 548 10.85 19.58 -22.14
N GLU A 549 10.30 20.15 -23.20
CA GLU A 549 9.07 19.65 -23.81
C GLU A 549 9.27 18.21 -24.32
N LYS A 550 10.38 17.99 -25.01
CA LYS A 550 10.75 16.66 -25.47
C LYS A 550 10.91 15.64 -24.32
N VAL A 551 11.47 16.04 -23.18
CA VAL A 551 11.71 15.13 -22.02
C VAL A 551 10.40 14.77 -21.39
N PHE A 552 9.52 15.74 -21.27
CA PHE A 552 8.20 15.53 -20.70
C PHE A 552 7.41 14.57 -21.54
N ASP A 553 7.30 14.82 -22.86
CA ASP A 553 6.63 13.88 -23.75
CA ASP A 553 6.63 13.83 -23.80
C ASP A 553 7.29 12.51 -23.67
N GLY A 554 8.64 12.48 -23.55
CA GLY A 554 9.36 11.19 -23.64
C GLY A 554 9.15 10.35 -22.37
N VAL A 555 9.17 11.00 -21.23
CA VAL A 555 8.87 10.34 -19.94
C VAL A 555 7.42 9.88 -19.80
N GLU A 556 6.51 10.69 -20.33
CA GLU A 556 5.11 10.34 -20.41
C GLU A 556 4.98 9.03 -21.17
N LYS A 557 5.89 8.79 -22.12
CA LYS A 557 5.84 7.59 -22.94
C LYS A 557 6.71 6.51 -22.38
N GLY A 558 7.57 6.81 -21.44
CA GLY A 558 8.35 5.74 -20.79
C GLY A 558 9.71 5.52 -21.42
N GLY A 559 9.83 5.77 -22.72
CA GLY A 559 11.14 5.71 -23.39
C GLY A 559 11.12 6.57 -24.65
N TYR A 560 12.27 7.13 -25.02
CA TYR A 560 12.33 8.08 -26.16
C TYR A 560 13.76 8.27 -26.50
N VAL A 561 13.98 8.81 -27.70
CA VAL A 561 15.34 9.04 -28.16
C VAL A 561 15.84 10.35 -27.62
N VAL A 562 17.03 10.34 -27.05
CA VAL A 562 17.59 11.54 -26.56
C VAL A 562 18.36 12.24 -27.70
N GLN A 563 19.18 11.47 -28.41
CA GLN A 563 19.96 11.98 -29.52
C GLN A 563 19.94 10.94 -30.58
N GLY A 564 19.46 11.32 -31.75
CA GLY A 564 19.38 10.42 -32.94
C GLY A 564 20.74 10.35 -33.61
N ALA A 565 20.84 9.57 -34.67
CA ALA A 565 22.07 9.56 -35.46
C ALA A 565 21.92 10.65 -36.50
N GLU A 566 23.05 11.26 -36.87
CA GLU A 566 23.11 12.30 -37.91
C GLU A 566 22.33 11.83 -39.12
N ASN A 567 22.73 10.67 -39.64
CA ASN A 567 22.03 10.03 -40.75
C ASN A 567 21.67 8.59 -40.35
N GLU A 568 22.34 7.60 -40.94
CA GLU A 568 22.03 6.22 -40.66
C GLU A 568 22.69 5.74 -39.40
N ALA A 569 21.96 4.98 -38.57
CA ALA A 569 22.45 4.59 -37.26
C ALA A 569 23.34 3.36 -37.38
N ASP A 570 24.59 3.43 -36.92
CA ASP A 570 25.39 2.23 -36.78
C ASP A 570 24.74 1.31 -35.74
N GLY A 571 24.26 1.90 -34.65
CA GLY A 571 23.65 1.13 -33.58
C GLY A 571 22.83 1.94 -32.63
N ILE A 572 22.60 1.40 -31.43
CA ILE A 572 21.78 2.08 -30.42
C ILE A 572 22.19 1.68 -29.01
N LEU A 573 22.33 2.68 -28.18
CA LEU A 573 22.54 2.50 -26.78
C LEU A 573 21.22 2.88 -26.07
N ILE A 574 20.80 1.96 -25.22
CA ILE A 574 19.58 2.08 -24.47
C ILE A 574 19.97 2.07 -23.01
N ALA A 575 19.63 3.15 -22.34
CA ALA A 575 20.05 3.36 -20.94
C ALA A 575 19.00 4.04 -20.09
N THR A 576 19.19 3.94 -18.77
CA THR A 576 18.27 4.52 -17.83
C THR A 576 18.99 5.37 -16.84
N GLY A 577 18.28 6.24 -16.15
CA GLY A 577 18.92 7.02 -15.08
C GLY A 577 20.28 7.62 -15.38
N SER A 578 21.16 7.48 -14.40
CA SER A 578 22.48 8.07 -14.48
C SER A 578 23.26 7.53 -15.63
N GLU A 579 22.85 6.43 -16.21
CA GLU A 579 23.64 5.88 -17.28
C GLU A 579 23.25 6.44 -18.64
N VAL A 580 22.19 7.21 -18.69
CA VAL A 580 21.93 7.95 -19.91
C VAL A 580 23.03 8.96 -20.21
N GLY A 581 23.52 9.67 -19.19
CA GLY A 581 24.64 10.57 -19.38
C GLY A 581 25.90 9.86 -19.87
N LEU A 582 26.22 8.70 -19.33
CA LEU A 582 27.31 7.89 -19.86
C LEU A 582 27.06 7.60 -21.36
N ALA A 583 25.86 7.17 -21.70
CA ALA A 583 25.61 6.79 -23.09
C ALA A 583 25.82 7.98 -24.00
N LEU A 584 25.42 9.19 -23.54
CA LEU A 584 25.64 10.39 -24.39
C LEU A 584 27.14 10.63 -24.61
N LYS A 585 27.95 10.42 -23.56
CA LYS A 585 29.39 10.64 -23.65
C LYS A 585 29.95 9.61 -24.55
N ALA A 586 29.49 8.36 -24.46
CA ALA A 586 30.04 7.34 -25.38
C ALA A 586 29.58 7.53 -26.81
N LYS A 587 28.41 8.10 -27.02
CA LYS A 587 27.99 8.43 -28.39
C LYS A 587 28.97 9.39 -29.11
N GLU A 588 29.46 10.39 -28.36
CA GLU A 588 30.50 11.36 -28.78
C GLU A 588 31.78 10.63 -29.10
N GLU A 589 32.34 9.98 -28.08
CA GLU A 589 33.55 9.20 -28.24
C GLU A 589 33.46 8.22 -29.44
N LEU A 590 32.27 7.72 -29.74
CA LEU A 590 32.13 6.70 -30.77
C LEU A 590 31.99 7.31 -32.16
N GLN A 591 31.38 8.50 -32.21
CA GLN A 591 31.36 9.29 -33.43
C GLN A 591 32.77 9.38 -33.99
N LYS A 592 33.70 9.78 -33.12
CA LYS A 592 35.14 9.89 -33.43
C LYS A 592 35.80 8.59 -33.94
N LYS A 593 35.01 7.53 -34.11
CA LYS A 593 35.50 6.32 -34.72
C LYS A 593 34.53 5.89 -35.80
N GLY A 594 33.86 6.86 -36.40
CA GLY A 594 32.96 6.55 -37.49
C GLY A 594 31.77 5.74 -37.11
N LYS A 595 31.39 5.77 -35.83
CA LYS A 595 30.23 5.00 -35.33
C LYS A 595 29.13 5.92 -34.80
N ASP A 596 28.03 5.99 -35.53
CA ASP A 596 26.99 6.95 -35.21
C ASP A 596 25.86 6.23 -34.51
N VAL A 597 25.69 6.45 -33.22
CA VAL A 597 24.67 5.70 -32.49
C VAL A 597 23.48 6.52 -31.96
N ILE A 598 22.32 5.87 -31.96
CA ILE A 598 21.16 6.41 -31.30
C ILE A 598 21.33 6.27 -29.80
N VAL A 599 20.89 7.29 -29.04
CA VAL A 599 20.83 7.16 -27.58
C VAL A 599 19.39 7.32 -27.06
N VAL A 600 18.90 6.21 -26.50
CA VAL A 600 17.58 6.14 -25.90
C VAL A 600 17.65 6.18 -24.39
N SER A 601 16.81 7.02 -23.80
CA SER A 601 16.46 6.95 -22.37
C SER A 601 15.17 6.16 -22.22
N LEU A 602 15.17 5.22 -21.28
CA LEU A 602 14.06 4.36 -20.97
C LEU A 602 13.78 4.50 -19.48
N PRO A 603 13.26 5.64 -19.07
CA PRO A 603 13.03 5.81 -17.67
C PRO A 603 11.97 4.88 -17.02
N SER A 604 10.97 4.42 -17.79
CA SER A 604 10.06 3.38 -17.31
C SER A 604 9.77 2.31 -18.32
N TRP A 605 10.26 1.11 -18.08
CA TRP A 605 9.98 0.01 -18.94
C TRP A 605 8.45 -0.19 -19.06
N GLU A 606 7.73 0.00 -17.96
CA GLU A 606 6.34 -0.41 -17.94
C GLU A 606 5.52 0.60 -18.79
N ARG A 607 5.81 1.85 -18.58
CA ARG A 607 5.25 2.93 -19.35
C ARG A 607 5.61 2.81 -20.81
N PHE A 608 6.86 2.52 -21.06
CA PHE A 608 7.27 2.26 -22.44
C PHE A 608 6.48 1.11 -23.08
N GLU A 609 6.35 0.00 -22.38
CA GLU A 609 5.70 -1.18 -23.00
C GLU A 609 4.18 -1.01 -23.13
N ALA A 610 3.60 -0.12 -22.35
CA ALA A 610 2.20 0.27 -22.52
C ALA A 610 1.93 1.12 -23.80
N GLN A 611 2.96 1.55 -24.52
CA GLN A 611 2.78 2.38 -25.72
C GLN A 611 2.44 1.51 -26.94
N SER A 612 2.05 2.16 -28.05
CA SER A 612 1.75 1.47 -29.28
C SER A 612 3.00 0.83 -29.85
N GLU A 613 2.84 -0.34 -30.45
CA GLU A 613 3.90 -0.94 -31.27
C GLU A 613 4.54 0.09 -32.15
N GLU A 614 3.72 0.89 -32.84
CA GLU A 614 4.19 1.93 -33.77
C GLU A 614 5.17 2.87 -33.05
N TYR A 615 4.75 3.40 -31.89
CA TYR A 615 5.58 4.34 -31.15
C TYR A 615 6.87 3.61 -30.65
N LYS A 616 6.75 2.42 -30.13
CA LYS A 616 7.91 1.72 -29.62
C LYS A 616 8.99 1.50 -30.70
N ASN A 617 8.53 1.18 -31.91
CA ASN A 617 9.44 0.91 -33.03
C ASN A 617 10.17 2.15 -33.49
N THR A 618 9.60 3.34 -33.27
CA THR A 618 10.27 4.56 -33.62
C THR A 618 11.45 4.81 -32.66
N VAL A 619 11.39 4.32 -31.43
CA VAL A 619 12.42 4.60 -30.41
C VAL A 619 13.56 3.57 -30.50
N ILE A 620 13.17 2.31 -30.63
CA ILE A 620 14.08 1.17 -30.71
C ILE A 620 13.71 0.41 -32.00
N PRO A 621 14.35 0.76 -33.13
CA PRO A 621 13.98 0.18 -34.45
C PRO A 621 14.16 -1.32 -34.45
N PRO A 622 13.12 -2.07 -34.83
CA PRO A 622 13.37 -3.51 -34.74
C PRO A 622 14.48 -4.02 -35.65
N GLU A 623 14.76 -3.34 -36.74
CA GLU A 623 15.74 -3.79 -37.70
C GLU A 623 17.20 -3.44 -37.24
N LEU A 624 17.33 -2.52 -36.27
CA LEU A 624 18.65 -2.20 -35.73
C LEU A 624 19.15 -3.24 -34.70
N LYS A 625 20.13 -4.07 -35.07
CA LYS A 625 20.55 -5.18 -34.25
C LYS A 625 21.73 -4.87 -33.35
N LYS A 626 22.53 -3.89 -33.73
CA LYS A 626 23.69 -3.53 -32.95
C LYS A 626 23.17 -2.59 -31.86
N ARG A 627 22.80 -3.20 -30.74
CA ARG A 627 22.34 -2.51 -29.53
C ARG A 627 23.24 -2.77 -28.31
N MET A 628 23.21 -1.86 -27.36
CA MET A 628 23.90 -2.03 -26.06
C MET A 628 22.99 -1.43 -25.03
N THR A 629 22.80 -2.14 -23.94
CA THR A 629 22.02 -1.66 -22.85
C THR A 629 22.95 -1.32 -21.72
N ILE A 630 22.63 -0.25 -21.01
CA ILE A 630 23.48 0.25 -19.96
C ILE A 630 22.65 0.73 -18.78
N GLU A 631 22.81 0.07 -17.65
CA GLU A 631 22.15 0.38 -16.42
C GLU A 631 23.04 -0.12 -15.31
N ALA A 632 23.16 0.69 -14.27
CA ALA A 632 23.94 0.32 -13.08
C ALA A 632 23.14 -0.63 -12.19
N GLY A 633 23.02 -1.88 -12.65
CA GLY A 633 22.36 -2.92 -11.88
C GLY A 633 22.37 -4.17 -12.72
N THR A 634 21.68 -5.21 -12.29
CA THR A 634 21.84 -6.50 -12.99
C THR A 634 21.41 -6.43 -14.46
N THR A 635 21.99 -7.32 -15.26
CA THR A 635 21.65 -7.44 -16.67
C THR A 635 20.38 -8.27 -16.83
N TYR A 636 20.02 -9.01 -15.82
CA TYR A 636 18.81 -9.79 -15.87
C TYR A 636 17.63 -8.92 -16.38
N GLY A 637 17.02 -9.37 -17.46
CA GLY A 637 15.91 -8.64 -18.05
C GLY A 637 16.21 -7.89 -19.33
N TRP A 638 17.42 -7.38 -19.36
CA TRP A 638 17.86 -6.55 -20.47
C TRP A 638 17.99 -7.22 -21.80
N ALA A 639 18.06 -8.57 -21.86
CA ALA A 639 18.23 -9.21 -23.16
C ALA A 639 17.03 -8.90 -24.03
N LYS A 640 15.91 -8.62 -23.40
CA LYS A 640 14.68 -8.20 -24.09
C LYS A 640 14.88 -7.06 -25.07
N TYR A 641 15.63 -6.07 -24.60
CA TYR A 641 15.97 -4.86 -25.35
C TYR A 641 17.30 -5.02 -26.03
N ALA A 642 18.27 -5.62 -25.41
CA ALA A 642 19.58 -5.77 -26.07
C ALA A 642 19.49 -6.67 -27.30
N GLY A 643 18.69 -7.74 -27.20
CA GLY A 643 18.56 -8.70 -28.32
C GLY A 643 19.73 -9.64 -28.46
N ASP A 644 19.50 -10.68 -29.22
CA ASP A 644 20.52 -11.70 -29.58
C ASP A 644 21.91 -11.13 -29.81
N HIS A 645 21.99 -10.04 -30.57
CA HIS A 645 23.27 -9.51 -31.01
C HIS A 645 23.72 -8.37 -30.18
N GLY A 646 23.02 -8.03 -29.10
CA GLY A 646 23.35 -6.82 -28.32
C GLY A 646 24.42 -7.11 -27.30
N VAL A 647 24.85 -6.07 -26.57
CA VAL A 647 25.73 -6.23 -25.43
C VAL A 647 25.08 -5.60 -24.19
N MET A 648 25.32 -6.21 -23.03
CA MET A 648 24.63 -5.76 -21.81
C MET A 648 25.65 -5.26 -20.82
N ILE A 649 25.64 -3.94 -20.64
CA ILE A 649 26.50 -3.29 -19.70
C ILE A 649 25.72 -3.10 -18.42
N GLY A 650 26.17 -3.80 -17.35
CA GLY A 650 25.50 -3.78 -16.05
C GLY A 650 26.34 -4.39 -14.97
N ILE A 651 25.74 -4.76 -13.84
CA ILE A 651 26.53 -5.12 -12.65
C ILE A 651 25.79 -6.26 -12.02
N ASP A 652 26.48 -7.40 -12.00
CA ASP A 652 25.97 -8.68 -11.60
C ASP A 652 26.75 -9.19 -10.41
N GLU A 653 27.19 -8.25 -9.59
CA GLU A 653 27.86 -8.54 -8.36
C GLU A 653 27.63 -7.43 -7.32
N PHE A 654 27.90 -7.75 -6.06
CA PHE A 654 27.81 -6.76 -5.02
C PHE A 654 28.88 -5.69 -5.21
N GLY A 655 28.66 -4.51 -4.68
CA GLY A 655 29.61 -3.42 -4.88
C GLY A 655 30.67 -3.33 -3.83
N MET A 656 31.10 -2.10 -3.54
CA MET A 656 32.30 -1.96 -2.70
C MET A 656 32.26 -0.65 -2.06
N SER A 657 32.96 -0.54 -0.92
CA SER A 657 33.25 0.70 -0.24
C SER A 657 34.47 1.34 -0.78
N ALA A 658 34.25 2.41 -1.55
CA ALA A 658 35.30 3.16 -2.18
C ALA A 658 34.66 4.45 -2.61
N PRO A 659 35.48 5.41 -2.98
CA PRO A 659 34.89 6.61 -3.54
C PRO A 659 34.11 6.33 -4.82
N SER A 660 33.09 7.16 -4.99
CA SER A 660 32.07 6.98 -5.98
C SER A 660 32.55 6.73 -7.36
N ASP A 661 33.40 7.61 -7.86
CA ASP A 661 33.87 7.52 -9.23
C ASP A 661 34.72 6.24 -9.40
N ILE A 662 35.33 5.78 -8.32
CA ILE A 662 36.14 4.58 -8.40
C ILE A 662 35.23 3.35 -8.55
N VAL A 663 34.13 3.32 -7.79
CA VAL A 663 33.23 2.17 -7.86
C VAL A 663 32.64 2.07 -9.28
N LEU A 664 32.11 3.17 -9.74
CA LEU A 664 31.56 3.22 -11.09
C LEU A 664 32.61 2.72 -12.07
N ARG A 665 33.86 3.19 -11.94
CA ARG A 665 34.90 2.82 -12.94
C ARG A 665 35.19 1.34 -12.89
N GLU A 666 35.41 0.83 -11.68
CA GLU A 666 35.75 -0.58 -11.46
C GLU A 666 34.65 -1.54 -11.86
N LEU A 667 33.42 -1.12 -11.72
CA LEU A 667 32.28 -1.98 -12.11
C LEU A 667 31.77 -1.60 -13.45
N GLY A 668 32.53 -0.82 -14.19
CA GLY A 668 32.35 -0.74 -15.65
C GLY A 668 31.33 0.25 -16.13
N MET A 669 30.86 1.16 -15.25
CA MET A 669 30.01 2.26 -15.62
C MET A 669 30.96 3.36 -16.04
N SER A 670 31.45 3.25 -17.27
CA SER A 670 32.38 4.24 -17.75
C SER A 670 32.30 4.30 -19.20
N VAL A 671 32.71 5.43 -19.72
CA VAL A 671 32.71 5.65 -21.14
C VAL A 671 33.69 4.72 -21.79
N GLU A 672 34.88 4.59 -21.20
CA GLU A 672 35.89 3.73 -21.80
C GLU A 672 35.28 2.33 -22.02
N ASN A 673 34.69 1.76 -20.98
CA ASN A 673 34.23 0.40 -21.03
C ASN A 673 33.08 0.30 -22.01
N ILE A 674 32.20 1.29 -22.05
CA ILE A 674 31.06 1.25 -22.98
C ILE A 674 31.55 1.20 -24.48
N VAL A 675 32.41 2.18 -24.81
CA VAL A 675 33.10 2.32 -26.10
C VAL A 675 33.82 1.03 -26.52
N ASP A 676 34.64 0.47 -25.62
CA ASP A 676 35.36 -0.78 -25.88
C ASP A 676 34.42 -1.92 -26.15
N LYS A 677 33.36 -2.05 -25.33
CA LYS A 677 32.39 -3.11 -25.54
C LYS A 677 31.66 -3.00 -26.86
N TYR A 678 31.30 -1.80 -27.25
CA TYR A 678 30.66 -1.61 -28.52
C TYR A 678 31.54 -2.05 -29.66
N LEU A 679 32.80 -1.66 -29.60
CA LEU A 679 33.74 -1.90 -30.66
C LEU A 679 34.24 -3.36 -30.78
N GLU A 680 34.23 -4.18 -29.75
CA GLU A 680 34.42 -5.65 -29.98
C GLU A 680 33.05 -6.18 -30.43
MG MG B . -4.31 -17.80 16.84
N1' TPP C . 3.16 -15.33 6.54
C2' TPP C . 2.47 -14.23 6.12
CM2 TPP C . 3.07 -13.00 6.00
N3' TPP C . 1.18 -14.30 5.78
C4' TPP C . 0.53 -15.48 5.91
N4' TPP C . -0.75 -15.50 5.55
C5' TPP C . 1.14 -16.74 6.32
C6' TPP C . 2.51 -16.60 6.65
C7' TPP C . 0.44 -18.05 6.38
N3 TPP C . -0.47 -17.98 7.58
C2 TPP C . -1.75 -17.65 7.45
S1 TPP C . -2.48 -17.52 9.01
C5 TPP C . -0.97 -18.00 9.79
C4 TPP C . -0.06 -18.20 8.86
CM4 TPP C . 1.36 -18.56 9.18
C6 TPP C . -0.70 -18.20 11.27
C7 TPP C . -1.49 -17.34 12.19
O7 TPP C . -2.33 -18.13 13.08
PA TPP C . -3.34 -16.98 13.81
O1A TPP C . -3.11 -15.67 13.22
O2A TPP C . -3.14 -17.12 15.28
O3A TPP C . -4.75 -17.52 13.29
PB TPP C . -5.77 -18.63 13.97
O1B TPP C . -5.52 -18.14 15.34
O2B TPP C . -7.01 -18.23 13.26
O3B TPP C . -5.13 -19.86 13.52
#